data_1EG1
#
_entry.id   1EG1
#
_cell.length_a   101.400
_cell.length_b   101.400
_cell.length_c   199.500
_cell.angle_alpha   90.00
_cell.angle_beta   90.00
_cell.angle_gamma   90.00
#
_symmetry.space_group_name_H-M   'P 41 21 2'
#
loop_
_entity.id
_entity.type
_entity.pdbx_description
1 polymer 'ENDOGLUCANASE I'
2 non-polymer 2-acetamido-2-deoxy-beta-D-glucopyranose
#
_entity_poly.entity_id   1
_entity_poly.type   'polypeptide(L)'
_entity_poly.pdbx_seq_one_letter_code
;(PCA)QPGTSTPEVHPKLTTYKCTKSGGCVAQDTSVVLDWNYRWMHDANYNSCTVNGGVNTTLCPDEATCGKNCFIEGVD
YAASGVTTSGSSLTMNQYMPSSSGGYSSVSPRLYLLDSDGEYVMLKLNGQELSFDVDLSALPCGENGSLYLSQMDENGGA
NQYNTAGANYGSGYCDAQCPVQTWRNGTLNTSHQGFCCNEMDILEGNSRANALTPHSCTATACDSAGCGFNPYGSGYKSY
YGPGDTVDTSKTFTIITQFNTDNGSPSGNLVSITRKYQQNGVDIPSAQPGGDTISSCPSASAYGGLATMGKALSSGMVLV
FSIWNDNSQYMNWLDSGNAGPCSSTEGNPSNILANNPNTHVVFSNIRWGDIGSTT
;
_entity_poly.pdbx_strand_id   A,C
#
loop_
_chem_comp.id
_chem_comp.type
_chem_comp.name
_chem_comp.formula
NAG D-saccharide, beta linking 2-acetamido-2-deoxy-beta-D-glucopyranose 'C8 H15 N O6'
#
# COMPACT_ATOMS: atom_id res chain seq x y z
N PCA A 1 -16.97 -12.52 -18.19
CA PCA A 1 -15.86 -12.79 -19.09
CB PCA A 1 -14.62 -12.19 -18.47
CG PCA A 1 -14.95 -12.21 -17.01
CD PCA A 1 -16.47 -12.21 -16.99
OE PCA A 1 -17.17 -12.03 -15.96
C PCA A 1 -15.69 -14.29 -19.34
O PCA A 1 -15.77 -15.10 -18.42
N GLN A 2 -15.45 -14.63 -20.60
CA GLN A 2 -15.26 -16.02 -21.03
C GLN A 2 -14.04 -16.08 -21.95
N PRO A 3 -13.49 -17.28 -22.20
CA PRO A 3 -12.31 -17.46 -23.05
C PRO A 3 -12.39 -16.79 -24.42
N GLY A 4 -11.33 -16.08 -24.78
CA GLY A 4 -11.28 -15.39 -26.06
C GLY A 4 -10.85 -16.28 -27.20
N THR A 5 -10.72 -15.69 -28.39
CA THR A 5 -10.33 -16.44 -29.59
C THR A 5 -9.16 -15.86 -30.38
N SER A 6 -8.92 -14.56 -30.26
CA SER A 6 -7.83 -13.89 -30.98
C SER A 6 -6.47 -14.46 -30.64
N THR A 7 -6.24 -14.71 -29.36
CA THR A 7 -4.98 -15.28 -28.90
C THR A 7 -5.30 -16.43 -27.97
N PRO A 8 -4.97 -17.66 -28.37
CA PRO A 8 -5.23 -18.84 -27.55
C PRO A 8 -4.28 -18.90 -26.36
N GLU A 9 -4.77 -19.44 -25.25
CA GLU A 9 -3.97 -19.56 -24.05
C GLU A 9 -3.22 -20.89 -24.01
N VAL A 10 -1.92 -20.84 -24.28
CA VAL A 10 -1.09 -22.03 -24.25
C VAL A 10 -0.14 -21.91 -23.07
N HIS A 11 -0.43 -22.64 -22.00
CA HIS A 11 0.37 -22.59 -20.78
C HIS A 11 1.79 -23.09 -20.92
N PRO A 12 2.76 -22.30 -20.45
CA PRO A 12 4.17 -22.67 -20.50
C PRO A 12 4.36 -23.83 -19.54
N LYS A 13 4.80 -24.97 -20.04
CA LYS A 13 4.98 -26.13 -19.18
C LYS A 13 6.13 -26.03 -18.20
N LEU A 14 5.83 -26.39 -16.96
CA LEU A 14 6.83 -26.37 -15.90
C LEU A 14 6.66 -27.67 -15.12
N THR A 15 7.74 -28.43 -15.02
CA THR A 15 7.72 -29.72 -14.34
C THR A 15 8.03 -29.59 -12.86
N THR A 16 7.08 -30.02 -12.03
CA THR A 16 7.25 -30.00 -10.58
C THR A 16 7.24 -31.45 -10.09
N TYR A 17 7.34 -31.65 -8.78
CA TYR A 17 7.37 -33.00 -8.24
C TYR A 17 6.68 -33.16 -6.89
N LYS A 18 6.36 -34.41 -6.57
CA LYS A 18 5.74 -34.76 -5.30
C LYS A 18 6.59 -35.91 -4.77
N CYS A 19 7.39 -35.64 -3.75
CA CYS A 19 8.25 -36.65 -3.18
C CYS A 19 7.66 -37.31 -1.93
N THR A 20 7.87 -38.62 -1.83
CA THR A 20 7.41 -39.41 -0.69
C THR A 20 8.69 -40.01 -0.11
N LYS A 21 8.77 -40.10 1.21
CA LYS A 21 9.94 -40.64 1.88
C LYS A 21 10.40 -41.99 1.34
N SER A 22 9.45 -42.78 0.86
CA SER A 22 9.73 -44.10 0.33
C SER A 22 9.85 -44.17 -1.20
N GLY A 23 8.85 -43.64 -1.90
CA GLY A 23 8.86 -43.69 -3.35
C GLY A 23 9.49 -42.56 -4.16
N GLY A 24 10.51 -41.90 -3.58
CA GLY A 24 11.18 -40.82 -4.29
C GLY A 24 10.30 -39.68 -4.77
N CYS A 25 10.72 -39.04 -5.87
CA CYS A 25 9.98 -37.92 -6.44
C CYS A 25 9.37 -38.25 -7.80
N VAL A 26 8.11 -37.87 -7.98
CA VAL A 26 7.37 -38.13 -9.22
C VAL A 26 7.20 -36.84 -10.02
N ALA A 27 7.41 -36.94 -11.33
CA ALA A 27 7.26 -35.79 -12.22
C ALA A 27 5.77 -35.44 -12.35
N GLN A 28 5.48 -34.16 -12.30
CA GLN A 28 4.11 -33.65 -12.41
C GLN A 28 3.93 -32.89 -13.73
N ASP A 29 2.78 -33.07 -14.36
CA ASP A 29 2.49 -32.39 -15.62
C ASP A 29 1.84 -31.02 -15.33
N THR A 30 2.57 -30.19 -14.60
CA THR A 30 2.10 -28.86 -14.23
C THR A 30 2.48 -27.82 -15.27
N SER A 31 2.10 -26.57 -15.01
CA SER A 31 2.40 -25.46 -15.91
C SER A 31 2.15 -24.15 -15.16
N VAL A 32 2.46 -23.03 -15.80
CA VAL A 32 2.27 -21.71 -15.19
C VAL A 32 1.20 -20.88 -15.92
N VAL A 33 0.51 -20.02 -15.17
CA VAL A 33 -0.53 -19.17 -15.75
C VAL A 33 -0.28 -17.72 -15.39
N LEU A 34 -0.62 -16.82 -16.30
CA LEU A 34 -0.43 -15.40 -16.06
C LEU A 34 -1.69 -14.88 -15.41
N ASP A 35 -1.51 -14.04 -14.40
CA ASP A 35 -2.63 -13.48 -13.65
C ASP A 35 -3.63 -12.71 -14.51
N TRP A 36 -4.90 -13.01 -14.26
CA TRP A 36 -6.05 -12.41 -14.95
C TRP A 36 -5.90 -10.96 -15.36
N ASN A 37 -5.33 -10.15 -14.48
CA ASN A 37 -5.16 -8.73 -14.77
C ASN A 37 -4.25 -8.34 -15.92
N TYR A 38 -3.28 -9.18 -16.25
CA TYR A 38 -2.33 -8.87 -17.33
C TYR A 38 -2.90 -9.13 -18.73
N ARG A 39 -4.07 -9.74 -18.79
CA ARG A 39 -4.68 -10.10 -20.07
C ARG A 39 -5.50 -9.02 -20.77
N TRP A 40 -5.77 -9.29 -22.05
CA TRP A 40 -6.55 -8.42 -22.93
C TRP A 40 -7.99 -8.92 -22.83
N MET A 41 -8.97 -8.01 -22.70
CA MET A 41 -10.37 -8.41 -22.62
C MET A 41 -11.27 -7.49 -23.45
N HIS A 42 -12.18 -8.07 -24.22
CA HIS A 42 -13.06 -7.28 -25.09
C HIS A 42 -14.37 -7.96 -25.46
N ASP A 43 -15.29 -7.15 -26.01
CA ASP A 43 -16.59 -7.64 -26.45
C ASP A 43 -16.43 -8.19 -27.87
N ALA A 44 -17.49 -8.77 -28.40
CA ALA A 44 -17.47 -9.34 -29.73
C ALA A 44 -16.98 -8.39 -30.82
N ASN A 45 -17.25 -7.10 -30.66
CA ASN A 45 -16.85 -6.10 -31.65
C ASN A 45 -15.45 -5.52 -31.44
N TYR A 46 -14.76 -6.01 -30.42
CA TYR A 46 -13.41 -5.59 -30.08
C TYR A 46 -13.16 -4.31 -29.31
N ASN A 47 -14.21 -3.75 -28.72
CA ASN A 47 -14.06 -2.56 -27.87
C ASN A 47 -13.56 -3.17 -26.56
N SER A 48 -12.62 -2.51 -25.88
CA SER A 48 -12.09 -3.08 -24.64
C SER A 48 -13.07 -3.03 -23.48
N CYS A 49 -13.03 -4.06 -22.66
CA CYS A 49 -13.87 -4.15 -21.49
C CYS A 49 -13.19 -3.53 -20.29
N THR A 50 -11.96 -3.08 -20.50
CA THR A 50 -11.20 -2.49 -19.43
C THR A 50 -10.86 -1.05 -19.71
N VAL A 51 -10.68 -0.27 -18.64
CA VAL A 51 -10.34 1.13 -18.76
C VAL A 51 -9.36 1.45 -17.65
N ASN A 52 -8.08 1.41 -17.98
CA ASN A 52 -7.00 1.68 -17.02
C ASN A 52 -7.05 0.73 -15.82
N GLY A 53 -7.35 -0.54 -16.07
CA GLY A 53 -7.42 -1.51 -14.99
C GLY A 53 -8.84 -1.67 -14.48
N GLY A 54 -9.66 -0.65 -14.71
CA GLY A 54 -11.04 -0.71 -14.29
C GLY A 54 -11.85 -1.36 -15.41
N VAL A 55 -13.17 -1.22 -15.38
CA VAL A 55 -14.01 -1.80 -16.42
C VAL A 55 -14.76 -0.77 -17.24
N ASN A 56 -15.25 -1.19 -18.40
CA ASN A 56 -16.02 -0.34 -19.27
C ASN A 56 -17.45 -0.48 -18.74
N THR A 57 -17.96 0.55 -18.09
CA THR A 57 -19.31 0.54 -17.50
C THR A 57 -20.41 0.04 -18.44
N THR A 58 -20.36 0.49 -19.69
CA THR A 58 -21.37 0.11 -20.68
C THR A 58 -21.36 -1.37 -21.02
N LEU A 59 -20.16 -1.94 -21.10
CA LEU A 59 -20.00 -3.36 -21.41
C LEU A 59 -19.97 -4.17 -20.13
N CYS A 60 -19.61 -3.50 -19.05
CA CYS A 60 -19.49 -4.14 -17.76
C CYS A 60 -20.20 -3.45 -16.61
N PRO A 61 -21.54 -3.38 -16.67
CA PRO A 61 -22.39 -2.75 -15.65
C PRO A 61 -22.64 -3.62 -14.43
N ASP A 62 -22.90 -4.90 -14.64
CA ASP A 62 -23.13 -5.82 -13.53
C ASP A 62 -22.20 -7.04 -13.73
N GLU A 63 -22.68 -8.24 -13.46
CA GLU A 63 -21.83 -9.42 -13.63
C GLU A 63 -22.35 -10.26 -14.79
N ALA A 64 -23.66 -10.47 -14.80
CA ALA A 64 -24.29 -11.27 -15.83
C ALA A 64 -23.95 -10.72 -17.20
N THR A 65 -23.72 -9.40 -17.26
CA THR A 65 -23.41 -8.77 -18.53
C THR A 65 -21.99 -9.04 -19.04
N CYS A 66 -20.94 -8.72 -18.27
CA CYS A 66 -19.58 -9.01 -18.74
C CYS A 66 -19.48 -10.48 -19.01
N GLY A 67 -20.14 -11.27 -18.17
CA GLY A 67 -20.12 -12.70 -18.35
C GLY A 67 -20.46 -13.01 -19.79
N LYS A 68 -21.57 -12.43 -20.25
CA LYS A 68 -22.04 -12.65 -21.60
C LYS A 68 -21.37 -11.75 -22.64
N ASN A 69 -20.75 -10.67 -22.19
CA ASN A 69 -20.14 -9.71 -23.10
C ASN A 69 -18.67 -9.83 -23.44
N CYS A 70 -17.83 -9.80 -22.40
CA CYS A 70 -16.39 -9.84 -22.55
C CYS A 70 -15.71 -11.18 -22.66
N PHE A 71 -14.57 -11.18 -23.35
CA PHE A 71 -13.75 -12.37 -23.54
C PHE A 71 -12.32 -11.99 -23.16
N ILE A 72 -11.70 -12.74 -22.24
CA ILE A 72 -10.33 -12.43 -21.92
C ILE A 72 -9.47 -13.36 -22.75
N GLU A 73 -8.58 -12.76 -23.52
CA GLU A 73 -7.67 -13.46 -24.40
C GLU A 73 -6.44 -13.99 -23.67
N GLY A 74 -5.71 -14.87 -24.35
CA GLY A 74 -4.48 -15.42 -23.78
C GLY A 74 -3.34 -14.47 -24.00
N VAL A 75 -2.14 -14.82 -23.53
CA VAL A 75 -0.99 -13.94 -23.67
C VAL A 75 0.23 -14.59 -24.27
N ASP A 76 1.21 -13.76 -24.62
CA ASP A 76 2.48 -14.20 -25.16
C ASP A 76 3.45 -14.20 -23.99
N TYR A 77 3.52 -15.32 -23.29
CA TYR A 77 4.38 -15.44 -22.12
C TYR A 77 5.81 -14.95 -22.30
N ALA A 78 6.38 -15.26 -23.46
CA ALA A 78 7.74 -14.84 -23.79
C ALA A 78 7.79 -13.33 -23.70
N ALA A 79 6.85 -12.67 -24.38
CA ALA A 79 6.75 -11.22 -24.39
C ALA A 79 6.46 -10.68 -23.01
N SER A 80 6.02 -11.57 -22.12
CA SER A 80 5.71 -11.19 -20.76
C SER A 80 6.84 -11.55 -19.81
N GLY A 81 8.01 -11.83 -20.37
CA GLY A 81 9.15 -12.18 -19.54
C GLY A 81 8.92 -13.44 -18.72
N VAL A 82 8.29 -14.43 -19.33
CA VAL A 82 8.00 -15.71 -18.69
C VAL A 82 8.41 -16.83 -19.63
N THR A 83 9.32 -17.68 -19.17
CA THR A 83 9.78 -18.81 -19.97
C THR A 83 10.09 -20.00 -19.11
N THR A 84 9.88 -21.19 -19.67
CA THR A 84 10.12 -22.42 -18.94
C THR A 84 10.97 -23.40 -19.74
N SER A 85 11.79 -24.16 -19.02
CA SER A 85 12.64 -25.18 -19.64
C SER A 85 12.67 -26.39 -18.72
N GLY A 86 11.76 -27.32 -18.99
CA GLY A 86 11.64 -28.53 -18.21
C GLY A 86 11.15 -28.18 -16.81
N SER A 87 12.03 -28.31 -15.84
CA SER A 87 11.69 -28.00 -14.46
C SER A 87 12.31 -26.66 -14.10
N SER A 88 12.22 -25.69 -15.00
CA SER A 88 12.81 -24.38 -14.74
C SER A 88 12.01 -23.19 -15.24
N LEU A 89 11.75 -22.26 -14.35
CA LEU A 89 11.01 -21.04 -14.66
C LEU A 89 11.90 -19.80 -14.58
N THR A 90 11.82 -18.95 -15.61
CA THR A 90 12.63 -17.72 -15.67
C THR A 90 11.71 -16.52 -15.88
N MET A 91 11.69 -15.62 -14.91
CA MET A 91 10.84 -14.43 -14.98
C MET A 91 11.60 -13.11 -15.03
N ASN A 92 11.34 -12.33 -16.08
CA ASN A 92 11.98 -11.03 -16.26
C ASN A 92 11.14 -9.88 -15.71
N GLN A 93 11.82 -8.84 -15.25
CA GLN A 93 11.17 -7.66 -14.69
C GLN A 93 10.86 -6.65 -15.77
N TYR A 94 11.59 -6.74 -16.88
CA TYR A 94 11.38 -5.81 -17.98
C TYR A 94 11.55 -6.53 -19.30
N MET A 95 11.04 -5.92 -20.35
CA MET A 95 11.15 -6.47 -21.69
C MET A 95 11.39 -5.33 -22.67
N PRO A 96 12.18 -5.58 -23.72
CA PRO A 96 12.42 -4.52 -24.69
C PRO A 96 11.11 -4.23 -25.42
N SER A 97 10.95 -3.02 -25.92
CA SER A 97 9.72 -2.63 -26.60
C SER A 97 9.89 -2.12 -28.03
N SER A 98 8.82 -2.25 -28.79
CA SER A 98 8.80 -1.77 -30.17
C SER A 98 8.98 -0.26 -30.06
N SER A 99 8.19 0.33 -29.18
CA SER A 99 8.23 1.78 -28.97
C SER A 99 9.54 2.26 -28.33
N GLY A 100 9.55 2.42 -27.01
CA GLY A 100 10.76 2.87 -26.35
C GLY A 100 11.77 1.76 -26.12
N GLY A 101 12.47 1.87 -24.99
CA GLY A 101 13.47 0.89 -24.62
C GLY A 101 12.82 -0.29 -23.93
N TYR A 102 12.82 -0.29 -22.60
CA TYR A 102 12.22 -1.39 -21.86
C TYR A 102 10.92 -1.02 -21.15
N SER A 103 9.96 -1.93 -21.21
CA SER A 103 8.68 -1.75 -20.51
C SER A 103 8.72 -2.74 -19.37
N SER A 104 8.22 -2.33 -18.21
CA SER A 104 8.22 -3.18 -17.04
C SER A 104 7.14 -4.25 -17.04
N VAL A 105 7.46 -5.42 -17.55
CA VAL A 105 6.51 -6.53 -17.53
C VAL A 105 6.74 -7.15 -16.16
N SER A 106 5.68 -7.39 -15.39
CA SER A 106 5.87 -7.95 -14.06
C SER A 106 4.97 -9.13 -13.88
N PRO A 107 5.42 -10.30 -14.32
CA PRO A 107 4.60 -11.50 -14.21
C PRO A 107 4.22 -11.93 -12.81
N ARG A 108 3.06 -12.55 -12.74
CA ARG A 108 2.51 -13.13 -11.53
C ARG A 108 1.92 -14.44 -12.08
N LEU A 109 2.61 -15.53 -11.76
CA LEU A 109 2.20 -16.84 -12.22
C LEU A 109 1.57 -17.70 -11.14
N TYR A 110 0.83 -18.70 -11.60
CA TYR A 110 0.17 -19.64 -10.73
C TYR A 110 0.47 -21.03 -11.27
N LEU A 111 0.75 -21.98 -10.39
CA LEU A 111 1.03 -23.34 -10.83
C LEU A 111 -0.30 -24.01 -11.17
N LEU A 112 -0.54 -24.20 -12.47
CA LEU A 112 -1.75 -24.84 -12.95
C LEU A 112 -1.52 -26.33 -13.11
N ASP A 113 -2.58 -27.11 -12.89
CA ASP A 113 -2.51 -28.56 -13.01
C ASP A 113 -3.17 -29.00 -14.31
N SER A 114 -2.84 -30.22 -14.73
CA SER A 114 -3.35 -30.82 -15.97
C SER A 114 -4.86 -30.72 -16.21
N ASP A 115 -5.65 -30.78 -15.14
CA ASP A 115 -7.10 -30.71 -15.26
C ASP A 115 -7.66 -29.30 -15.50
N GLY A 116 -6.78 -28.30 -15.55
CA GLY A 116 -7.22 -26.94 -15.78
C GLY A 116 -7.60 -26.20 -14.50
N GLU A 117 -7.03 -26.62 -13.38
CA GLU A 117 -7.29 -26.03 -12.07
C GLU A 117 -5.96 -25.93 -11.31
N TYR A 118 -5.80 -24.87 -10.52
CA TYR A 118 -4.58 -24.64 -9.75
C TYR A 118 -4.15 -25.84 -8.91
N VAL A 119 -2.84 -26.11 -8.91
CA VAL A 119 -2.29 -27.21 -8.13
C VAL A 119 -2.54 -26.88 -6.66
N MET A 120 -3.27 -27.75 -5.97
CA MET A 120 -3.58 -27.51 -4.56
C MET A 120 -2.54 -28.05 -3.60
N LEU A 121 -1.47 -27.29 -3.39
CA LEU A 121 -0.41 -27.70 -2.49
C LEU A 121 -0.93 -27.85 -1.07
N LYS A 122 -0.71 -29.02 -0.49
CA LYS A 122 -1.11 -29.29 0.89
C LYS A 122 0.20 -29.50 1.64
N LEU A 123 0.77 -28.39 2.10
CA LEU A 123 2.05 -28.41 2.77
C LEU A 123 2.06 -28.59 4.28
N ASN A 124 0.89 -28.79 4.89
CA ASN A 124 0.83 -28.98 6.34
C ASN A 124 1.60 -30.22 6.76
N GLY A 125 2.57 -30.05 7.65
CA GLY A 125 3.36 -31.17 8.11
C GLY A 125 4.19 -31.77 6.99
N GLN A 126 4.60 -30.93 6.04
CA GLN A 126 5.42 -31.38 4.92
C GLN A 126 6.48 -30.37 4.53
N GLU A 127 7.03 -30.50 3.32
CA GLU A 127 8.05 -29.57 2.87
C GLU A 127 8.03 -29.27 1.37
N LEU A 128 8.27 -28.01 1.04
CA LEU A 128 8.33 -27.54 -0.34
C LEU A 128 9.79 -27.12 -0.52
N SER A 129 10.41 -27.58 -1.61
CA SER A 129 11.81 -27.25 -1.87
C SER A 129 12.03 -26.82 -3.31
N PHE A 130 12.95 -25.86 -3.50
CA PHE A 130 13.26 -25.32 -4.83
C PHE A 130 14.65 -24.70 -4.92
N ASP A 131 15.05 -24.40 -6.15
CA ASP A 131 16.36 -23.79 -6.42
C ASP A 131 16.13 -22.40 -6.97
N VAL A 132 16.90 -21.43 -6.48
CA VAL A 132 16.76 -20.06 -6.95
C VAL A 132 18.06 -19.45 -7.39
N ASP A 133 17.96 -18.53 -8.33
CA ASP A 133 19.11 -17.82 -8.86
C ASP A 133 18.80 -16.33 -8.73
N LEU A 134 18.99 -15.80 -7.52
CA LEU A 134 18.72 -14.40 -7.24
C LEU A 134 19.82 -13.45 -7.71
N SER A 135 20.90 -14.03 -8.24
CA SER A 135 22.04 -13.28 -8.74
C SER A 135 21.66 -12.02 -9.52
N ALA A 136 20.62 -12.12 -10.35
CA ALA A 136 20.17 -10.99 -11.14
C ALA A 136 19.47 -9.91 -10.30
N LEU A 137 18.50 -10.32 -9.48
CA LEU A 137 17.75 -9.41 -8.62
C LEU A 137 18.66 -8.62 -7.70
N PRO A 138 18.77 -7.32 -7.94
CA PRO A 138 19.61 -6.43 -7.14
C PRO A 138 18.75 -5.71 -6.12
N CYS A 139 19.30 -4.68 -5.50
CA CYS A 139 18.55 -3.90 -4.52
C CYS A 139 17.25 -3.37 -5.11
N GLY A 140 16.15 -3.63 -4.42
CA GLY A 140 14.87 -3.13 -4.89
C GLY A 140 13.98 -4.14 -5.58
N GLU A 141 14.56 -5.15 -6.20
CA GLU A 141 13.75 -6.17 -6.87
C GLU A 141 13.21 -7.13 -5.83
N ASN A 142 12.06 -7.72 -6.11
CA ASN A 142 11.45 -8.65 -5.19
C ASN A 142 11.12 -9.96 -5.88
N GLY A 143 11.96 -10.98 -5.72
CA GLY A 143 11.66 -12.27 -6.31
C GLY A 143 10.63 -12.85 -5.36
N SER A 144 9.67 -13.61 -5.85
CA SER A 144 8.66 -14.12 -4.92
C SER A 144 8.04 -15.47 -5.21
N LEU A 145 7.99 -16.28 -4.17
CA LEU A 145 7.41 -17.61 -4.23
C LEU A 145 6.57 -17.74 -2.97
N TYR A 146 5.26 -17.63 -3.13
CA TYR A 146 4.34 -17.73 -1.99
C TYR A 146 3.06 -18.47 -2.31
N LEU A 147 2.44 -19.00 -1.26
CA LEU A 147 1.19 -19.73 -1.37
C LEU A 147 0.07 -18.81 -0.93
N SER A 148 -1.02 -18.79 -1.71
CA SER A 148 -2.19 -17.99 -1.39
C SER A 148 -3.37 -18.94 -1.36
N GLN A 149 -4.31 -18.69 -0.46
CA GLN A 149 -5.47 -19.55 -0.35
C GLN A 149 -6.55 -19.12 -1.35
N MET A 150 -6.28 -19.37 -2.63
CA MET A 150 -7.22 -19.00 -3.71
C MET A 150 -8.13 -20.17 -4.06
N ASP A 151 -9.23 -19.90 -4.75
CA ASP A 151 -10.13 -20.98 -5.15
C ASP A 151 -9.50 -21.75 -6.29
N GLU A 152 -9.35 -23.06 -6.12
CA GLU A 152 -8.74 -23.92 -7.12
C GLU A 152 -9.14 -23.65 -8.57
N ASN A 153 -10.38 -23.23 -8.81
CA ASN A 153 -10.80 -22.93 -10.17
C ASN A 153 -11.01 -21.42 -10.35
N GLY A 154 -10.16 -20.64 -9.70
CA GLY A 154 -10.24 -19.19 -9.77
C GLY A 154 -11.64 -18.63 -9.63
N GLY A 155 -12.43 -19.21 -8.73
CA GLY A 155 -13.78 -18.74 -8.51
C GLY A 155 -14.69 -18.72 -9.73
N ALA A 156 -14.34 -19.49 -10.74
CA ALA A 156 -15.11 -19.53 -11.98
C ALA A 156 -16.57 -19.88 -11.73
N ASN A 157 -17.47 -19.06 -12.26
CA ASN A 157 -18.90 -19.28 -12.08
C ASN A 157 -19.63 -19.34 -13.42
N GLN A 158 -20.91 -19.00 -13.43
CA GLN A 158 -21.71 -19.01 -14.65
C GLN A 158 -21.29 -17.89 -15.58
N TYR A 159 -20.74 -16.83 -15.00
CA TYR A 159 -20.33 -15.68 -15.79
C TYR A 159 -18.83 -15.62 -16.09
N ASN A 160 -18.07 -16.49 -15.45
CA ASN A 160 -16.65 -16.54 -15.68
C ASN A 160 -16.33 -17.98 -16.03
N THR A 161 -16.10 -18.22 -17.31
CA THR A 161 -15.79 -19.55 -17.79
C THR A 161 -14.28 -19.70 -17.93
N ALA A 162 -13.57 -18.59 -17.85
CA ALA A 162 -12.11 -18.59 -17.96
C ALA A 162 -11.47 -19.31 -16.80
N GLY A 163 -11.78 -18.87 -15.59
CA GLY A 163 -11.26 -19.50 -14.39
C GLY A 163 -9.75 -19.55 -14.25
N ALA A 164 -9.24 -20.62 -13.66
CA ALA A 164 -7.81 -20.79 -13.44
C ALA A 164 -6.99 -20.82 -14.72
N ASN A 165 -7.63 -21.16 -15.83
CA ASN A 165 -6.92 -21.21 -17.10
C ASN A 165 -6.45 -19.82 -17.51
N TYR A 166 -7.03 -18.81 -16.88
CA TYR A 166 -6.67 -17.43 -17.18
C TYR A 166 -6.30 -16.67 -15.92
N GLY A 167 -5.83 -17.39 -14.91
CA GLY A 167 -5.41 -16.78 -13.65
C GLY A 167 -6.46 -15.95 -12.92
N SER A 168 -7.69 -16.46 -12.86
CA SER A 168 -8.76 -15.76 -12.18
C SER A 168 -8.78 -15.99 -10.67
N GLY A 169 -9.24 -15.00 -9.93
CA GLY A 169 -9.37 -15.13 -8.48
C GLY A 169 -8.19 -15.03 -7.54
N TYR A 170 -7.29 -14.08 -7.76
CA TYR A 170 -6.14 -13.89 -6.89
C TYR A 170 -6.57 -13.30 -5.55
N CYS A 171 -5.66 -13.38 -4.58
CA CYS A 171 -5.88 -12.85 -3.24
C CYS A 171 -4.63 -13.04 -2.40
N ASP A 172 -4.53 -12.28 -1.32
CA ASP A 172 -3.40 -12.39 -0.42
C ASP A 172 -3.75 -11.72 0.90
N ALA A 173 -2.83 -11.76 1.86
CA ALA A 173 -3.05 -11.18 3.17
C ALA A 173 -3.33 -9.69 3.14
N GLN A 174 -2.90 -9.02 2.07
CA GLN A 174 -3.12 -7.58 1.96
C GLN A 174 -4.57 -7.21 1.77
N CYS A 175 -5.41 -8.21 1.51
CA CYS A 175 -6.86 -8.02 1.31
C CYS A 175 -7.17 -6.98 0.25
N PRO A 176 -6.63 -7.18 -0.96
CA PRO A 176 -6.85 -6.25 -2.06
C PRO A 176 -8.28 -6.15 -2.60
N VAL A 177 -8.74 -4.92 -2.81
CA VAL A 177 -10.05 -4.70 -3.41
C VAL A 177 -9.71 -4.83 -4.89
N GLN A 178 -10.43 -5.68 -5.61
CA GLN A 178 -10.11 -5.88 -7.02
C GLN A 178 -11.30 -5.69 -7.94
N THR A 179 -11.02 -5.43 -9.22
CA THR A 179 -12.07 -5.24 -10.21
C THR A 179 -12.83 -6.55 -10.36
N TRP A 180 -12.10 -7.66 -10.25
CA TRP A 180 -12.69 -8.97 -10.31
C TRP A 180 -12.35 -9.69 -9.02
N ARG A 181 -13.33 -9.72 -8.12
CA ARG A 181 -13.14 -10.36 -6.83
C ARG A 181 -13.63 -11.80 -6.90
N ASN A 182 -12.67 -12.72 -6.85
CA ASN A 182 -13.00 -14.13 -6.88
C ASN A 182 -13.81 -14.58 -8.10
N GLY A 183 -13.40 -14.14 -9.28
CA GLY A 183 -14.07 -14.52 -10.52
C GLY A 183 -15.31 -13.74 -10.91
N THR A 184 -15.77 -12.85 -10.04
CA THR A 184 -16.96 -12.05 -10.34
C THR A 184 -16.57 -10.58 -10.34
N LEU A 185 -17.20 -9.79 -11.22
CA LEU A 185 -16.91 -8.36 -11.25
C LEU A 185 -17.32 -7.86 -9.88
N ASN A 186 -16.33 -7.47 -9.07
CA ASN A 186 -16.62 -6.99 -7.73
C ASN A 186 -17.58 -5.80 -7.74
N THR A 187 -18.87 -6.08 -7.75
CA THR A 187 -19.87 -5.03 -7.78
C THR A 187 -20.21 -4.50 -6.40
N SER A 188 -19.65 -5.13 -5.37
CA SER A 188 -19.88 -4.71 -4.00
C SER A 188 -18.69 -3.95 -3.44
N HIS A 189 -17.63 -3.85 -4.24
CA HIS A 189 -16.39 -3.16 -3.86
C HIS A 189 -15.82 -3.65 -2.56
N GLN A 190 -15.64 -4.95 -2.44
CA GLN A 190 -15.09 -5.52 -1.22
C GLN A 190 -13.68 -6.06 -1.46
N GLY A 191 -12.88 -6.08 -0.39
CA GLY A 191 -11.53 -6.60 -0.50
C GLY A 191 -11.59 -8.11 -0.58
N PHE A 192 -10.42 -8.75 -0.70
CA PHE A 192 -10.38 -10.20 -0.79
C PHE A 192 -9.27 -10.70 0.12
N CYS A 193 -9.64 -11.13 1.32
CA CYS A 193 -8.65 -11.66 2.25
C CYS A 193 -8.59 -13.16 2.15
N CYS A 194 -7.37 -13.71 2.22
CA CYS A 194 -7.14 -15.14 2.18
C CYS A 194 -5.76 -15.37 2.74
N ASN A 195 -5.53 -16.53 3.34
CA ASN A 195 -4.22 -16.82 3.92
C ASN A 195 -3.12 -16.74 2.89
N GLU A 196 -1.95 -16.27 3.34
CA GLU A 196 -0.82 -16.11 2.44
C GLU A 196 0.47 -16.52 3.11
N MET A 197 1.09 -17.58 2.61
CA MET A 197 2.35 -18.04 3.15
C MET A 197 3.43 -17.53 2.21
N ASP A 198 4.29 -16.63 2.69
CA ASP A 198 5.36 -16.09 1.86
C ASP A 198 6.69 -16.80 2.12
N ILE A 199 6.98 -17.82 1.32
CA ILE A 199 8.19 -18.61 1.47
C ILE A 199 9.43 -17.82 1.10
N LEU A 200 9.57 -17.46 -0.18
CA LEU A 200 10.70 -16.64 -0.61
C LEU A 200 10.16 -15.29 -1.04
N GLU A 201 10.83 -14.24 -0.59
CA GLU A 201 10.44 -12.89 -0.92
C GLU A 201 11.72 -12.10 -0.72
N GLY A 202 12.47 -11.91 -1.79
CA GLY A 202 13.71 -11.17 -1.68
C GLY A 202 14.55 -11.13 -2.94
N ASN A 203 15.70 -10.48 -2.83
CA ASN A 203 16.64 -10.35 -3.93
C ASN A 203 18.02 -10.88 -3.54
N SER A 204 19.04 -10.46 -4.29
CA SER A 204 20.40 -10.90 -4.05
C SER A 204 21.04 -10.23 -2.84
N ARG A 205 20.34 -9.28 -2.23
CA ARG A 205 20.91 -8.59 -1.07
C ARG A 205 20.35 -9.04 0.27
N ALA A 206 19.10 -9.48 0.28
CA ALA A 206 18.43 -9.95 1.50
C ALA A 206 17.17 -10.72 1.13
N ASN A 207 16.52 -11.33 2.12
CA ASN A 207 15.29 -12.09 1.86
C ASN A 207 14.41 -12.13 3.11
N ALA A 208 13.25 -12.78 3.02
CA ALA A 208 12.34 -12.86 4.16
C ALA A 208 11.25 -13.92 4.09
N LEU A 209 11.17 -14.73 5.14
CA LEU A 209 10.16 -15.78 5.27
C LEU A 209 9.08 -15.13 6.12
N THR A 210 7.85 -15.08 5.62
CA THR A 210 6.78 -14.40 6.36
C THR A 210 5.39 -15.05 6.27
N PRO A 211 4.86 -15.54 7.40
CA PRO A 211 3.53 -16.17 7.43
C PRO A 211 2.41 -15.19 7.79
N HIS A 212 1.32 -15.25 7.04
CA HIS A 212 0.17 -14.37 7.28
C HIS A 212 -1.09 -15.17 7.55
N SER A 213 -1.54 -15.15 8.80
CA SER A 213 -2.76 -15.86 9.21
C SER A 213 -4.00 -15.01 8.92
N CYS A 214 -5.15 -15.67 8.73
CA CYS A 214 -6.35 -14.92 8.41
C CYS A 214 -7.68 -15.37 8.98
N THR A 215 -8.55 -14.38 9.08
CA THR A 215 -9.93 -14.53 9.53
C THR A 215 -10.66 -14.44 8.19
N ALA A 216 -11.97 -14.60 8.21
CA ALA A 216 -12.74 -14.49 6.98
C ALA A 216 -12.74 -13.01 6.60
N THR A 217 -12.72 -12.15 7.62
CA THR A 217 -12.75 -10.70 7.43
C THR A 217 -11.42 -9.98 7.25
N ALA A 218 -10.35 -10.44 7.91
CA ALA A 218 -9.06 -9.76 7.78
C ALA A 218 -7.86 -10.69 7.89
N CYS A 219 -6.66 -10.10 7.85
CA CYS A 219 -5.42 -10.85 7.91
C CYS A 219 -4.35 -10.12 8.65
N ASP A 220 -3.26 -10.82 8.90
CA ASP A 220 -2.10 -10.28 9.59
C ASP A 220 -1.18 -9.61 8.56
N SER A 221 -1.55 -8.40 8.15
CA SER A 221 -0.78 -7.64 7.15
C SER A 221 0.72 -7.70 7.45
N ALA A 222 1.13 -7.14 8.59
CA ALA A 222 2.54 -7.19 8.96
C ALA A 222 2.71 -8.61 9.44
N GLY A 223 3.46 -9.42 8.71
CA GLY A 223 3.63 -10.79 9.14
C GLY A 223 4.69 -10.94 10.21
N CYS A 224 4.72 -12.09 10.88
CA CYS A 224 5.73 -12.38 11.90
C CYS A 224 6.88 -13.03 11.13
N GLY A 225 7.44 -12.28 10.18
CA GLY A 225 8.51 -12.76 9.34
C GLY A 225 9.90 -12.87 9.93
N PHE A 226 10.80 -13.49 9.16
CA PHE A 226 12.18 -13.70 9.56
C PHE A 226 13.11 -13.23 8.47
N ASN A 227 14.08 -12.41 8.85
CA ASN A 227 15.05 -11.85 7.93
C ASN A 227 16.37 -11.90 8.68
N PRO A 228 17.29 -12.79 8.28
CA PRO A 228 18.59 -12.91 8.95
C PRO A 228 19.24 -11.56 9.25
N TYR A 229 19.25 -10.68 8.25
CA TYR A 229 19.85 -9.35 8.41
C TYR A 229 19.13 -8.57 9.51
N GLY A 230 17.81 -8.60 9.46
CA GLY A 230 17.01 -7.89 10.45
C GLY A 230 17.26 -8.45 11.83
N SER A 231 17.40 -9.77 11.90
CA SER A 231 17.65 -10.46 13.17
C SER A 231 19.12 -10.39 13.59
N GLY A 232 19.86 -9.48 12.96
CA GLY A 232 21.27 -9.31 13.30
C GLY A 232 22.22 -10.39 12.82
N TYR A 233 22.19 -10.67 11.51
CA TYR A 233 23.07 -11.67 10.92
C TYR A 233 23.47 -11.09 9.57
N LYS A 234 23.91 -9.83 9.63
CA LYS A 234 24.33 -9.03 8.48
C LYS A 234 25.31 -9.67 7.49
N SER A 235 25.90 -10.80 7.86
CA SER A 235 26.85 -11.47 6.97
C SER A 235 26.56 -12.97 6.86
N TYR A 236 25.32 -13.28 6.49
CA TYR A 236 24.90 -14.66 6.33
C TYR A 236 24.34 -14.88 4.93
N TYR A 237 23.35 -14.07 4.58
CA TYR A 237 22.70 -14.14 3.29
C TYR A 237 23.12 -12.93 2.45
N GLY A 238 23.90 -13.21 1.41
CA GLY A 238 24.36 -12.15 0.54
C GLY A 238 25.42 -12.60 -0.44
N PRO A 239 25.90 -11.70 -1.30
CA PRO A 239 26.92 -11.96 -2.32
C PRO A 239 28.26 -12.31 -1.68
N GLY A 240 28.60 -13.59 -1.73
CA GLY A 240 29.87 -14.05 -1.18
C GLY A 240 29.80 -14.41 0.29
N ASP A 241 28.60 -14.39 0.87
CA ASP A 241 28.41 -14.71 2.27
C ASP A 241 28.07 -16.18 2.46
N THR A 242 27.78 -16.57 3.70
CA THR A 242 27.45 -17.95 4.05
C THR A 242 26.54 -18.64 3.03
N VAL A 243 25.42 -18.00 2.70
CA VAL A 243 24.48 -18.56 1.74
C VAL A 243 24.95 -18.27 0.32
N ASP A 244 25.53 -17.10 0.10
CA ASP A 244 26.07 -16.70 -1.21
C ASP A 244 25.06 -16.66 -2.36
N THR A 245 24.40 -15.52 -2.48
CA THR A 245 23.40 -15.30 -3.51
C THR A 245 23.95 -15.28 -4.93
N SER A 246 25.24 -14.96 -5.08
CA SER A 246 25.87 -14.89 -6.39
C SER A 246 25.74 -16.18 -7.20
N LYS A 247 25.53 -17.29 -6.50
CA LYS A 247 25.36 -18.60 -7.13
C LYS A 247 23.98 -19.13 -6.76
N THR A 248 23.61 -20.25 -7.36
CA THR A 248 22.32 -20.88 -7.08
C THR A 248 22.37 -21.62 -5.75
N PHE A 249 21.28 -21.53 -5.00
CA PHE A 249 21.19 -22.22 -3.72
C PHE A 249 19.81 -22.86 -3.61
N THR A 250 19.62 -23.67 -2.58
CA THR A 250 18.33 -24.33 -2.40
C THR A 250 17.63 -23.81 -1.16
N ILE A 251 16.33 -23.61 -1.30
CA ILE A 251 15.51 -23.15 -0.19
C ILE A 251 14.57 -24.29 0.22
N ILE A 252 14.72 -24.74 1.46
CA ILE A 252 13.92 -25.84 1.99
C ILE A 252 13.09 -25.36 3.16
N THR A 253 11.77 -25.35 2.98
CA THR A 253 10.85 -24.94 4.04
C THR A 253 9.99 -26.11 4.49
N GLN A 254 10.07 -26.42 5.77
CA GLN A 254 9.33 -27.53 6.38
C GLN A 254 8.31 -26.99 7.37
N PHE A 255 7.07 -27.45 7.24
CA PHE A 255 6.00 -27.03 8.13
C PHE A 255 5.82 -28.16 9.15
N ASN A 256 6.32 -27.92 10.36
CA ASN A 256 6.26 -28.91 11.42
C ASN A 256 5.00 -28.87 12.28
N THR A 257 4.38 -30.04 12.42
CA THR A 257 3.16 -30.19 13.21
C THR A 257 3.48 -30.78 14.59
N ASP A 258 2.51 -30.77 15.51
CA ASP A 258 2.75 -31.32 16.84
C ASP A 258 2.75 -32.85 16.83
N ASN A 259 1.90 -33.43 16.00
CA ASN A 259 1.83 -34.89 15.88
C ASN A 259 2.85 -35.35 14.84
N GLY A 260 3.71 -34.43 14.41
CA GLY A 260 4.73 -34.72 13.43
C GLY A 260 4.26 -35.18 12.07
N SER A 261 2.94 -35.21 11.88
CA SER A 261 2.36 -35.66 10.62
C SER A 261 1.31 -34.70 10.05
N PRO A 262 1.01 -34.82 8.74
CA PRO A 262 0.04 -33.97 8.07
C PRO A 262 -1.33 -34.00 8.73
N SER A 263 -1.52 -34.97 9.61
CA SER A 263 -2.78 -35.12 10.33
C SER A 263 -3.19 -33.86 11.08
N GLY A 264 -2.24 -33.02 11.49
CA GLY A 264 -2.65 -31.80 12.16
C GLY A 264 -1.75 -30.98 13.05
N ASN A 265 -2.19 -29.74 13.25
CA ASN A 265 -1.57 -28.72 14.10
C ASN A 265 -0.19 -28.18 13.77
N LEU A 266 -0.14 -27.04 13.10
CA LEU A 266 1.12 -26.39 12.75
C LEU A 266 1.73 -25.86 14.06
N VAL A 267 3.04 -25.99 14.18
CA VAL A 267 3.76 -25.54 15.36
C VAL A 267 4.96 -24.66 15.04
N SER A 268 5.61 -24.94 13.92
CA SER A 268 6.79 -24.18 13.50
C SER A 268 7.07 -24.30 12.01
N ILE A 269 7.69 -23.27 11.45
CA ILE A 269 8.06 -23.24 10.04
C ILE A 269 9.58 -23.18 9.96
N THR A 270 10.20 -24.34 9.69
CA THR A 270 11.66 -24.48 9.61
C THR A 270 12.27 -24.20 8.25
N ARG A 271 13.25 -23.30 8.25
CA ARG A 271 13.94 -22.93 7.03
C ARG A 271 15.35 -23.50 7.08
N LYS A 272 15.79 -24.08 5.98
CA LYS A 272 17.12 -24.66 5.87
C LYS A 272 17.63 -24.56 4.44
N TYR A 273 18.73 -23.83 4.27
CA TYR A 273 19.34 -23.64 2.95
C TYR A 273 20.47 -24.66 2.76
N GLN A 274 20.80 -24.90 1.49
CA GLN A 274 21.89 -25.82 1.16
C GLN A 274 22.37 -25.49 -0.25
N GLN A 275 23.66 -25.24 -0.38
CA GLN A 275 24.27 -24.88 -1.65
C GLN A 275 25.50 -25.75 -1.91
N ASN A 276 25.71 -26.10 -3.19
CA ASN A 276 26.84 -26.93 -3.59
C ASN A 276 26.78 -28.31 -2.96
N GLY A 277 25.58 -28.85 -2.82
CA GLY A 277 25.40 -30.18 -2.23
C GLY A 277 25.46 -30.21 -0.71
N VAL A 278 26.38 -29.45 -0.14
CA VAL A 278 26.53 -29.41 1.32
C VAL A 278 25.44 -28.55 1.96
N ASP A 279 24.96 -28.99 3.12
CA ASP A 279 23.93 -28.26 3.83
C ASP A 279 24.52 -27.05 4.55
N ILE A 280 23.92 -25.89 4.32
CA ILE A 280 24.38 -24.65 4.94
C ILE A 280 23.86 -24.60 6.37
N PRO A 281 24.72 -24.19 7.33
CA PRO A 281 24.35 -24.09 8.75
C PRO A 281 23.36 -22.94 8.99
N SER A 282 22.59 -23.05 10.08
CA SER A 282 21.62 -22.03 10.43
C SER A 282 22.26 -20.70 10.75
N ALA A 283 21.47 -19.64 10.67
CA ALA A 283 21.95 -18.29 10.98
C ALA A 283 21.93 -18.18 12.52
N GLN A 284 20.79 -18.52 13.11
CA GLN A 284 20.63 -18.50 14.55
C GLN A 284 20.71 -19.95 15.03
N PRO A 285 21.46 -20.21 16.13
CA PRO A 285 21.65 -21.53 16.72
C PRO A 285 20.35 -22.29 16.98
N GLY A 286 20.38 -23.60 16.74
CA GLY A 286 19.19 -24.41 16.96
C GLY A 286 18.31 -24.55 15.73
N GLY A 287 18.44 -23.63 14.79
CA GLY A 287 17.65 -23.71 13.57
C GLY A 287 16.89 -22.45 13.22
N ASP A 288 16.92 -22.08 11.95
CA ASP A 288 16.21 -20.90 11.47
C ASP A 288 14.74 -21.27 11.35
N THR A 289 14.01 -21.12 12.46
CA THR A 289 12.60 -21.46 12.46
C THR A 289 11.71 -20.37 13.02
N ILE A 290 10.46 -20.40 12.58
CA ILE A 290 9.44 -19.46 13.01
C ILE A 290 8.54 -20.21 13.97
N SER A 291 8.86 -20.11 15.26
CA SER A 291 8.09 -20.76 16.30
C SER A 291 6.89 -19.92 16.69
N SER A 292 7.13 -18.91 17.53
CA SER A 292 6.06 -18.02 17.97
C SER A 292 5.77 -16.99 16.90
N CYS A 293 4.48 -16.77 16.63
CA CYS A 293 4.07 -15.79 15.64
C CYS A 293 3.14 -14.80 16.33
N PRO A 294 3.72 -13.87 17.11
CA PRO A 294 3.02 -12.83 17.89
C PRO A 294 1.91 -12.10 17.14
N SER A 295 2.26 -11.49 16.02
CA SER A 295 1.30 -10.74 15.20
C SER A 295 0.03 -11.52 14.87
N ALA A 296 0.22 -12.77 14.46
CA ALA A 296 -0.88 -13.65 14.08
C ALA A 296 -1.87 -14.04 15.17
N SER A 297 -1.57 -13.67 16.42
CA SER A 297 -2.44 -14.00 17.55
C SER A 297 -3.90 -13.64 17.30
N ALA A 298 -4.13 -12.39 16.91
CA ALA A 298 -5.48 -11.89 16.67
C ALA A 298 -6.22 -12.57 15.52
N TYR A 299 -5.58 -13.51 14.85
CA TYR A 299 -6.20 -14.22 13.74
C TYR A 299 -6.05 -15.73 13.87
N GLY A 300 -5.80 -16.21 15.08
CA GLY A 300 -5.62 -17.63 15.29
C GLY A 300 -4.20 -18.03 14.96
N GLY A 301 -3.25 -17.29 15.52
CA GLY A 301 -1.83 -17.51 15.30
C GLY A 301 -1.38 -18.93 15.05
N LEU A 302 -0.82 -19.15 13.86
CA LEU A 302 -0.33 -20.46 13.44
C LEU A 302 -1.45 -21.45 13.17
N ALA A 303 -2.29 -21.68 14.18
CA ALA A 303 -3.41 -22.59 14.07
C ALA A 303 -4.11 -22.45 12.72
N THR A 304 -4.56 -21.23 12.43
CA THR A 304 -5.26 -20.94 11.16
C THR A 304 -4.41 -21.21 9.93
N MET A 305 -3.13 -20.83 10.00
CA MET A 305 -2.23 -21.03 8.88
C MET A 305 -2.16 -22.51 8.52
N GLY A 306 -1.94 -23.35 9.53
CA GLY A 306 -1.86 -24.77 9.31
C GLY A 306 -3.14 -25.33 8.73
N LYS A 307 -4.28 -24.90 9.26
CA LYS A 307 -5.56 -25.39 8.75
C LYS A 307 -5.66 -25.01 7.28
N ALA A 308 -5.11 -23.84 6.95
CA ALA A 308 -5.11 -23.33 5.58
C ALA A 308 -4.21 -24.17 4.68
N LEU A 309 -3.04 -24.52 5.20
CA LEU A 309 -2.07 -25.34 4.48
C LEU A 309 -2.61 -26.76 4.29
N SER A 310 -3.57 -27.14 5.12
CA SER A 310 -4.19 -28.46 5.04
C SER A 310 -5.26 -28.45 3.95
N SER A 311 -6.10 -27.43 3.97
CA SER A 311 -7.18 -27.29 2.99
C SER A 311 -6.61 -27.27 1.58
N GLY A 312 -5.38 -26.75 1.46
CA GLY A 312 -4.73 -26.67 0.16
C GLY A 312 -4.56 -25.22 -0.28
N MET A 313 -3.41 -24.92 -0.86
CA MET A 313 -3.11 -23.56 -1.32
C MET A 313 -2.51 -23.53 -2.71
N VAL A 314 -2.69 -22.40 -3.40
CA VAL A 314 -2.16 -22.20 -4.73
C VAL A 314 -0.76 -21.59 -4.65
N LEU A 315 0.10 -21.99 -5.57
CA LEU A 315 1.47 -21.50 -5.61
C LEU A 315 1.53 -20.25 -6.49
N VAL A 316 2.26 -19.23 -6.04
CA VAL A 316 2.37 -17.98 -6.80
C VAL A 316 3.79 -17.50 -7.07
N PHE A 317 4.14 -17.44 -8.36
CA PHE A 317 5.45 -16.97 -8.77
C PHE A 317 5.31 -15.49 -9.09
N SER A 318 6.27 -14.68 -8.68
CA SER A 318 6.21 -13.25 -8.93
C SER A 318 7.51 -12.52 -8.70
N ILE A 319 7.71 -11.47 -9.47
CA ILE A 319 8.89 -10.62 -9.36
C ILE A 319 8.40 -9.20 -9.65
N TRP A 320 8.69 -8.28 -8.75
CA TRP A 320 8.23 -6.90 -8.92
C TRP A 320 9.08 -5.88 -8.15
N ASN A 321 8.98 -4.62 -8.57
CA ASN A 321 9.71 -3.53 -7.90
C ASN A 321 8.74 -2.49 -7.33
N ASP A 322 9.16 -1.84 -6.26
CA ASP A 322 8.33 -0.87 -5.55
C ASP A 322 8.62 0.57 -5.97
N ASN A 323 7.66 1.17 -6.69
CA ASN A 323 7.77 2.54 -7.17
C ASN A 323 7.54 3.53 -6.05
N SER A 324 6.95 3.06 -4.96
CA SER A 324 6.66 3.92 -3.82
C SER A 324 7.73 3.89 -2.73
N GLN A 325 7.97 2.73 -2.12
CA GLN A 325 8.98 2.65 -1.07
C GLN A 325 10.25 1.89 -1.46
N TYR A 326 10.46 1.69 -2.75
CA TYR A 326 11.65 1.01 -3.26
C TYR A 326 11.98 -0.30 -2.54
N MET A 327 10.95 -0.98 -2.05
CA MET A 327 11.11 -2.26 -1.36
C MET A 327 12.06 -2.15 -0.18
N ASN A 328 12.25 -0.95 0.35
CA ASN A 328 13.14 -0.73 1.47
C ASN A 328 12.82 -1.63 2.66
N TRP A 329 11.55 -1.95 2.84
CA TRP A 329 11.11 -2.80 3.94
C TRP A 329 11.75 -4.19 3.89
N LEU A 330 12.17 -4.58 2.69
CA LEU A 330 12.79 -5.87 2.47
C LEU A 330 14.32 -5.91 2.46
N ASP A 331 14.95 -4.90 1.84
CA ASP A 331 16.41 -4.90 1.74
C ASP A 331 17.19 -3.66 2.14
N SER A 332 16.55 -2.69 2.77
CA SER A 332 17.26 -1.49 3.17
C SER A 332 17.20 -1.27 4.68
N GLY A 333 17.72 -0.15 5.13
CA GLY A 333 17.70 0.17 6.54
C GLY A 333 18.28 -0.89 7.43
N ASN A 334 17.49 -1.33 8.41
CA ASN A 334 17.92 -2.34 9.35
C ASN A 334 17.66 -3.77 8.88
N ALA A 335 17.14 -3.91 7.68
CA ALA A 335 16.84 -5.22 7.12
C ALA A 335 17.55 -5.50 5.80
N GLY A 336 18.61 -4.75 5.51
CA GLY A 336 19.33 -4.95 4.28
C GLY A 336 20.42 -3.94 4.03
N PRO A 337 21.49 -4.34 3.31
CA PRO A 337 22.63 -3.48 2.99
C PRO A 337 22.29 -2.33 2.05
N CYS A 338 21.23 -2.50 1.28
CA CYS A 338 20.79 -1.47 0.32
C CYS A 338 20.52 -0.11 0.95
N SER A 339 20.81 0.95 0.19
CA SER A 339 20.57 2.32 0.64
C SER A 339 19.15 2.72 0.30
N SER A 340 18.64 3.73 1.01
CA SER A 340 17.28 4.20 0.79
C SER A 340 16.94 4.45 -0.68
N THR A 341 17.87 5.07 -1.41
CA THR A 341 17.67 5.40 -2.83
C THR A 341 17.89 4.24 -3.80
N GLU A 342 18.94 3.48 -3.57
CA GLU A 342 19.36 2.33 -4.40
C GLU A 342 18.27 1.41 -4.98
N GLY A 343 17.11 1.37 -4.34
CA GLY A 343 16.05 0.49 -4.83
C GLY A 343 15.07 1.09 -5.83
N ASN A 344 15.26 2.35 -6.15
CA ASN A 344 14.39 3.04 -7.10
C ASN A 344 14.32 2.27 -8.40
N PRO A 345 13.11 1.87 -8.83
CA PRO A 345 12.93 1.13 -10.07
C PRO A 345 13.59 1.79 -11.29
N SER A 346 13.48 3.11 -11.40
CA SER A 346 14.07 3.85 -12.53
C SER A 346 15.57 3.58 -12.55
N ASN A 347 16.15 3.53 -11.36
CA ASN A 347 17.57 3.27 -11.20
C ASN A 347 17.86 1.80 -11.49
N ILE A 348 16.87 0.93 -11.27
CA ILE A 348 17.04 -0.50 -11.55
C ILE A 348 17.06 -0.67 -13.06
N LEU A 349 16.08 -0.03 -13.71
CA LEU A 349 15.92 -0.07 -15.13
C LEU A 349 17.19 0.45 -15.80
N ALA A 350 17.77 1.47 -15.18
CA ALA A 350 18.97 2.07 -15.71
C ALA A 350 20.18 1.16 -15.61
N ASN A 351 20.49 0.70 -14.41
CA ASN A 351 21.66 -0.12 -14.22
C ASN A 351 21.57 -1.64 -14.36
N ASN A 352 20.36 -2.18 -14.54
CA ASN A 352 20.22 -3.63 -14.66
C ASN A 352 18.85 -4.03 -15.17
N PRO A 353 18.50 -3.62 -16.39
CA PRO A 353 17.19 -3.97 -16.93
C PRO A 353 17.03 -5.45 -17.20
N ASN A 354 18.13 -6.17 -17.12
CA ASN A 354 18.12 -7.60 -17.38
C ASN A 354 17.79 -8.47 -16.19
N THR A 355 17.39 -7.86 -15.06
CA THR A 355 17.07 -8.65 -13.87
C THR A 355 16.00 -9.68 -14.14
N HIS A 356 16.20 -10.85 -13.55
CA HIS A 356 15.30 -11.97 -13.71
C HIS A 356 15.48 -12.98 -12.60
N VAL A 357 14.41 -13.70 -12.29
CA VAL A 357 14.51 -14.72 -11.26
C VAL A 357 14.41 -16.02 -12.03
N VAL A 358 15.11 -17.05 -11.55
CA VAL A 358 15.05 -18.34 -12.19
C VAL A 358 14.77 -19.41 -11.13
N PHE A 359 13.49 -19.77 -11.00
CA PHE A 359 13.08 -20.80 -10.06
C PHE A 359 13.25 -22.13 -10.77
N SER A 360 13.83 -23.10 -10.08
CA SER A 360 14.05 -24.39 -10.72
C SER A 360 13.89 -25.55 -9.77
N ASN A 361 13.42 -26.66 -10.32
CA ASN A 361 13.21 -27.90 -9.59
C ASN A 361 12.31 -27.73 -8.38
N ILE A 362 11.04 -27.44 -8.62
CA ILE A 362 10.09 -27.28 -7.53
C ILE A 362 9.49 -28.62 -7.19
N ARG A 363 9.68 -29.05 -5.95
CA ARG A 363 9.18 -30.33 -5.48
C ARG A 363 8.75 -30.26 -4.03
N TRP A 364 7.53 -30.73 -3.75
CA TRP A 364 7.01 -30.73 -2.39
C TRP A 364 6.60 -32.14 -2.00
N GLY A 365 6.66 -32.43 -0.71
CA GLY A 365 6.29 -33.75 -0.24
C GLY A 365 6.71 -33.95 1.20
N ASP A 366 6.84 -35.21 1.61
CA ASP A 366 7.25 -35.56 2.97
C ASP A 366 8.57 -34.91 3.31
N ILE A 367 8.79 -34.67 4.59
CA ILE A 367 10.02 -34.04 5.04
C ILE A 367 11.24 -34.89 4.69
N GLY A 368 12.28 -34.25 4.17
CA GLY A 368 13.48 -34.98 3.80
C GLY A 368 13.44 -35.69 2.45
N SER A 369 12.24 -36.05 1.99
CA SER A 369 12.10 -36.75 0.71
C SER A 369 12.42 -35.91 -0.54
N THR A 370 12.12 -34.62 -0.51
CA THR A 370 12.40 -33.74 -1.63
C THR A 370 13.90 -33.44 -1.66
N THR A 371 14.54 -33.64 -0.51
CA THR A 371 15.97 -33.42 -0.31
C THR A 371 16.30 -31.94 -0.14
N PCA B 1 -26.07 9.11 -3.03
CA PCA B 1 -26.15 9.46 -1.63
CB PCA B 1 -24.83 9.08 -0.98
CG PCA B 1 -23.89 9.12 -2.12
CD PCA B 1 -24.78 8.92 -3.35
OE PCA B 1 -24.36 8.70 -4.50
C PCA B 1 -26.43 10.96 -1.45
O PCA B 1 -25.84 11.81 -2.13
N GLN B 2 -27.33 11.26 -0.52
CA GLN B 2 -27.72 12.64 -0.21
C GLN B 2 -27.71 12.81 1.32
N PRO B 3 -27.74 14.07 1.81
CA PRO B 3 -27.73 14.36 3.25
C PRO B 3 -28.78 13.61 4.07
N GLY B 4 -28.34 13.03 5.18
CA GLY B 4 -29.23 12.29 6.04
C GLY B 4 -29.99 13.16 7.01
N THR B 5 -30.79 12.53 7.88
CA THR B 5 -31.59 13.26 8.87
C THR B 5 -31.45 12.80 10.31
N SER B 6 -31.05 11.55 10.53
CA SER B 6 -30.89 10.99 11.87
C SER B 6 -29.87 11.76 12.70
N THR B 7 -28.74 12.11 12.08
CA THR B 7 -27.70 12.86 12.76
C THR B 7 -27.29 14.01 11.85
N PRO B 8 -27.57 15.24 12.28
CA PRO B 8 -27.22 16.42 11.48
C PRO B 8 -25.71 16.67 11.49
N GLU B 9 -25.21 17.20 10.39
CA GLU B 9 -23.78 17.49 10.29
C GLU B 9 -23.46 18.92 10.76
N VAL B 10 -22.89 19.02 11.95
CA VAL B 10 -22.52 20.31 12.51
C VAL B 10 -21.00 20.37 12.54
N HIS B 11 -20.42 21.11 11.61
CA HIS B 11 -18.97 21.24 11.50
C HIS B 11 -18.29 21.92 12.67
N PRO B 12 -17.24 21.29 13.21
CA PRO B 12 -16.49 21.83 14.33
C PRO B 12 -15.75 23.05 13.81
N LYS B 13 -16.02 24.22 14.38
CA LYS B 13 -15.38 25.44 13.91
C LYS B 13 -13.90 25.55 14.22
N LEU B 14 -13.14 25.93 13.22
CA LEU B 14 -11.71 26.10 13.35
C LEU B 14 -11.35 27.40 12.65
N THR B 15 -10.72 28.31 13.39
CA THR B 15 -10.35 29.61 12.87
C THR B 15 -8.98 29.61 12.21
N THR B 16 -8.95 29.95 10.93
CA THR B 16 -7.70 30.04 10.18
C THR B 16 -7.47 31.49 9.77
N TYR B 17 -6.40 31.76 9.04
CA TYR B 17 -6.14 33.13 8.62
C TYR B 17 -5.50 33.27 7.25
N LYS B 18 -5.60 34.48 6.71
CA LYS B 18 -5.00 34.82 5.43
C LYS B 18 -4.21 36.11 5.69
N CYS B 19 -2.89 35.99 5.71
CA CYS B 19 -2.04 37.14 5.97
C CYS B 19 -1.50 37.78 4.70
N THR B 20 -1.46 39.10 4.70
CA THR B 20 -0.92 39.89 3.60
C THR B 20 0.22 40.69 4.20
N LYS B 21 1.31 40.85 3.45
CA LYS B 21 2.48 41.58 3.93
C LYS B 21 2.16 42.94 4.52
N SER B 22 1.11 43.58 4.01
CA SER B 22 0.69 44.90 4.46
C SER B 22 -0.44 44.89 5.48
N GLY B 23 -1.53 44.20 5.15
CA GLY B 23 -2.69 44.16 6.04
C GLY B 23 -2.80 43.10 7.11
N GLY B 24 -1.67 42.60 7.61
CA GLY B 24 -1.68 41.58 8.66
C GLY B 24 -2.45 40.32 8.34
N CYS B 25 -2.99 39.68 9.38
CA CYS B 25 -3.75 38.45 9.24
C CYS B 25 -5.24 38.62 9.55
N VAL B 26 -6.09 38.07 8.69
CA VAL B 26 -7.54 38.16 8.85
C VAL B 26 -8.12 36.83 9.30
N ALA B 27 -9.04 36.88 10.25
CA ALA B 27 -9.70 35.67 10.75
C ALA B 27 -10.65 35.13 9.70
N GLN B 28 -10.62 33.81 9.52
CA GLN B 28 -11.46 33.11 8.54
C GLN B 28 -12.52 32.28 9.26
N ASP B 29 -13.74 32.27 8.72
CA ASP B 29 -14.82 31.49 9.31
C ASP B 29 -14.81 30.07 8.72
N THR B 30 -13.69 29.38 8.92
CA THR B 30 -13.52 28.02 8.42
C THR B 30 -13.99 26.98 9.42
N SER B 31 -13.86 25.71 9.06
CA SER B 31 -14.26 24.60 9.92
C SER B 31 -13.64 23.32 9.37
N VAL B 32 -13.83 22.22 10.09
CA VAL B 32 -13.30 20.92 9.67
C VAL B 32 -14.41 19.92 9.32
N VAL B 33 -14.13 19.00 8.39
CA VAL B 33 -15.10 18.00 7.98
C VAL B 33 -14.49 16.62 8.07
N LEU B 34 -15.31 15.63 8.42
CA LEU B 34 -14.83 14.26 8.52
C LEU B 34 -15.01 13.62 7.16
N ASP B 35 -13.99 12.86 6.75
CA ASP B 35 -14.00 12.20 5.46
C ASP B 35 -15.19 11.26 5.25
N TRP B 36 -15.79 11.40 4.08
CA TRP B 36 -16.95 10.62 3.63
C TRP B 36 -17.00 9.18 4.12
N ASN B 37 -15.86 8.50 4.08
CA ASN B 37 -15.82 7.11 4.49
C ASN B 37 -16.13 6.77 5.95
N TYR B 38 -15.92 7.72 6.85
CA TYR B 38 -16.17 7.48 8.27
C TYR B 38 -17.65 7.59 8.66
N ARG B 39 -18.48 8.04 7.74
CA ARG B 39 -19.90 8.24 8.00
C ARG B 39 -20.81 7.03 7.87
N TRP B 40 -22.01 7.19 8.41
CA TRP B 40 -23.07 6.19 8.39
C TRP B 40 -23.93 6.49 7.15
N MET B 41 -24.29 5.47 6.38
CA MET B 41 -25.11 5.68 5.18
C MET B 41 -26.19 4.60 5.05
N HIS B 42 -27.42 5.02 4.75
CA HIS B 42 -28.54 4.06 4.64
C HIS B 42 -29.70 4.54 3.79
N ASP B 43 -30.58 3.60 3.45
CA ASP B 43 -31.78 3.89 2.66
C ASP B 43 -32.86 4.37 3.62
N ALA B 44 -33.99 4.77 3.05
CA ALA B 44 -35.11 5.28 3.84
C ALA B 44 -35.56 4.35 4.96
N ASN B 45 -35.45 3.04 4.74
CA ASN B 45 -35.86 2.05 5.74
C ASN B 45 -34.78 1.67 6.76
N TYR B 46 -33.62 2.31 6.64
CA TYR B 46 -32.49 2.09 7.54
C TYR B 46 -31.57 0.88 7.36
N ASN B 47 -31.67 0.22 6.21
CA ASN B 47 -30.76 -0.88 5.90
C ASN B 47 -29.49 -0.15 5.45
N SER B 48 -28.31 -0.63 5.84
CA SER B 48 -27.09 0.07 5.45
C SER B 48 -26.75 -0.06 3.98
N CYS B 49 -26.20 1.01 3.43
CA CYS B 49 -25.80 1.06 2.05
C CYS B 49 -24.35 0.59 1.90
N THR B 50 -23.72 0.31 3.03
CA THR B 50 -22.35 -0.12 3.02
C THR B 50 -22.20 -1.53 3.57
N VAL B 51 -21.15 -2.21 3.12
CA VAL B 51 -20.87 -3.56 3.56
C VAL B 51 -19.37 -3.68 3.68
N ASN B 52 -18.86 -3.48 4.90
CA ASN B 52 -17.43 -3.56 5.18
C ASN B 52 -16.62 -2.56 4.34
N GLY B 53 -17.16 -1.36 4.17
CA GLY B 53 -16.46 -0.36 3.38
C GLY B 53 -16.92 -0.36 1.93
N GLY B 54 -17.47 -1.49 1.50
CA GLY B 54 -17.98 -1.59 0.15
C GLY B 54 -19.42 -1.12 0.15
N VAL B 55 -20.17 -1.44 -0.90
CA VAL B 55 -21.58 -1.03 -0.98
C VAL B 55 -22.54 -2.19 -1.00
N ASN B 56 -23.80 -1.89 -0.70
CA ASN B 56 -24.85 -2.89 -0.72
C ASN B 56 -25.30 -2.90 -2.18
N THR B 57 -24.97 -3.96 -2.91
CA THR B 57 -25.31 -4.10 -4.32
C THR B 57 -26.77 -3.81 -4.67
N THR B 58 -27.68 -4.31 -3.84
CA THR B 58 -29.12 -4.12 -4.05
C THR B 58 -29.55 -2.67 -3.94
N LEU B 59 -28.97 -1.94 -2.99
CA LEU B 59 -29.30 -0.54 -2.79
C LEU B 59 -28.38 0.34 -3.60
N CYS B 60 -27.22 -0.22 -3.94
CA CYS B 60 -26.20 0.50 -4.66
C CYS B 60 -25.62 -0.21 -5.88
N PRO B 61 -26.47 -0.47 -6.89
CA PRO B 61 -26.09 -1.16 -8.13
C PRO B 61 -25.38 -0.27 -9.14
N ASP B 62 -25.87 0.96 -9.31
CA ASP B 62 -25.24 1.90 -10.23
C ASP B 62 -24.99 3.21 -9.48
N GLU B 63 -25.21 4.36 -10.10
CA GLU B 63 -24.98 5.62 -9.41
C GLU B 63 -26.31 6.32 -9.18
N ALA B 64 -27.13 6.35 -10.21
CA ALA B 64 -28.43 7.00 -10.15
C ALA B 64 -29.24 6.43 -9.01
N THR B 65 -28.98 5.17 -8.70
CA THR B 65 -29.72 4.51 -7.62
C THR B 65 -29.31 4.94 -6.21
N CYS B 66 -28.04 4.80 -5.84
CA CYS B 66 -27.63 5.24 -4.50
C CYS B 66 -27.97 6.71 -4.36
N GLY B 67 -27.80 7.44 -5.45
CA GLY B 67 -28.10 8.85 -5.44
C GLY B 67 -29.48 9.03 -4.85
N LYS B 68 -30.43 8.28 -5.40
CA LYS B 68 -31.81 8.37 -4.96
C LYS B 68 -32.13 7.52 -3.75
N ASN B 69 -31.27 6.55 -3.45
CA ASN B 69 -31.50 5.64 -2.33
C ASN B 69 -30.90 5.93 -0.97
N CYS B 70 -29.58 6.08 -0.94
CA CYS B 70 -28.83 6.29 0.29
C CYS B 70 -28.69 7.71 0.79
N PHE B 71 -28.55 7.82 2.10
CA PHE B 71 -28.35 9.10 2.79
C PHE B 71 -27.15 8.94 3.71
N ILE B 72 -26.15 9.81 3.58
CA ILE B 72 -25.03 9.70 4.50
C ILE B 72 -25.28 10.70 5.61
N GLU B 73 -25.29 10.17 6.82
CA GLU B 73 -25.52 10.93 8.04
C GLU B 73 -24.28 11.67 8.52
N GLY B 74 -24.48 12.60 9.44
CA GLY B 74 -23.37 13.34 10.02
C GLY B 74 -22.74 12.53 11.14
N VAL B 75 -21.69 13.06 11.76
CA VAL B 75 -21.02 12.33 12.83
C VAL B 75 -20.83 13.12 14.10
N ASP B 76 -20.42 12.40 15.15
CA ASP B 76 -20.14 12.98 16.46
C ASP B 76 -18.64 13.16 16.51
N TYR B 77 -18.18 14.32 16.05
CA TYR B 77 -16.75 14.63 16.01
C TYR B 77 -15.97 14.33 17.29
N ALA B 78 -16.59 14.64 18.43
CA ALA B 78 -15.98 14.39 19.73
C ALA B 78 -15.70 12.91 19.83
N ALA B 79 -16.72 12.10 19.54
CA ALA B 79 -16.62 10.65 19.59
C ALA B 79 -15.62 10.15 18.55
N SER B 80 -15.30 11.01 17.59
CA SER B 80 -14.36 10.66 16.54
C SER B 80 -12.98 11.23 16.83
N GLY B 81 -12.75 11.62 18.08
CA GLY B 81 -11.46 12.17 18.45
C GLY B 81 -11.10 13.43 17.67
N VAL B 82 -12.08 14.30 17.48
CA VAL B 82 -11.90 15.56 16.76
C VAL B 82 -12.53 16.67 17.58
N THR B 83 -11.73 17.66 17.96
CA THR B 83 -12.23 18.78 18.72
C THR B 83 -11.50 20.06 18.35
N THR B 84 -12.22 21.18 18.44
CA THR B 84 -11.65 22.46 18.10
C THR B 84 -11.90 23.51 19.17
N SER B 85 -10.93 24.42 19.34
CA SER B 85 -11.04 25.49 20.31
C SER B 85 -10.45 26.74 19.68
N GLY B 86 -11.33 27.54 19.06
CA GLY B 86 -10.92 28.75 18.39
C GLY B 86 -10.07 28.42 17.19
N SER B 87 -8.78 28.71 17.28
CA SER B 87 -7.86 28.43 16.19
C SER B 87 -7.03 27.21 16.57
N SER B 88 -7.69 26.19 17.11
CA SER B 88 -6.96 24.99 17.52
C SER B 88 -7.69 23.68 17.29
N LEU B 89 -7.03 22.77 16.60
CA LEU B 89 -7.57 21.44 16.29
C LEU B 89 -6.81 20.34 17.04
N THR B 90 -7.57 19.43 17.66
CA THR B 90 -6.99 18.33 18.43
C THR B 90 -7.56 17.00 17.92
N MET B 91 -6.68 16.15 17.38
CA MET B 91 -7.11 14.86 16.85
C MET B 91 -6.53 13.65 17.58
N ASN B 92 -7.42 12.79 18.06
CA ASN B 92 -7.03 11.58 18.78
C ASN B 92 -6.94 10.37 17.86
N GLN B 93 -6.05 9.45 18.19
CA GLN B 93 -5.85 8.23 17.42
C GLN B 93 -6.77 7.13 17.92
N TYR B 94 -7.21 7.25 19.16
CA TYR B 94 -8.09 6.25 19.73
C TYR B 94 -9.13 6.91 20.62
N MET B 95 -10.19 6.18 20.90
CA MET B 95 -11.25 6.67 21.77
C MET B 95 -11.75 5.53 22.63
N PRO B 96 -12.13 5.82 23.88
CA PRO B 96 -12.63 4.74 24.74
C PRO B 96 -13.96 4.26 24.16
N SER B 97 -14.30 3.01 24.44
CA SER B 97 -15.52 2.43 23.90
C SER B 97 -16.48 1.86 24.95
N SER B 98 -17.75 1.80 24.56
CA SER B 98 -18.79 1.26 25.42
C SER B 98 -18.42 -0.20 25.61
N SER B 99 -18.12 -0.86 24.48
CA SER B 99 -17.75 -2.27 24.48
C SER B 99 -16.41 -2.52 25.18
N GLY B 100 -15.34 -2.61 24.40
CA GLY B 100 -14.03 -2.86 24.97
C GLY B 100 -13.37 -1.63 25.55
N GLY B 101 -12.05 -1.57 25.43
CA GLY B 101 -11.28 -0.45 25.93
C GLY B 101 -11.27 0.67 24.91
N TYR B 102 -10.22 0.73 24.09
CA TYR B 102 -10.13 1.78 23.08
C TYR B 102 -10.29 1.28 21.65
N SER B 103 -11.02 2.04 20.86
CA SER B 103 -11.22 1.73 19.45
C SER B 103 -10.40 2.79 18.70
N SER B 104 -9.74 2.37 17.63
CA SER B 104 -8.93 3.28 16.84
C SER B 104 -9.70 4.19 15.92
N VAL B 105 -10.06 5.37 16.40
CA VAL B 105 -10.75 6.33 15.56
C VAL B 105 -9.60 7.05 14.85
N SER B 106 -9.66 7.19 13.54
CA SER B 106 -8.56 7.84 12.84
C SER B 106 -9.10 8.90 11.92
N PRO B 107 -9.33 10.09 12.47
CA PRO B 107 -9.88 11.18 11.66
C PRO B 107 -9.05 11.62 10.49
N ARG B 108 -9.76 12.08 9.47
CA ARG B 108 -9.20 12.65 8.26
C ARG B 108 -10.15 13.84 8.03
N LEU B 109 -9.62 15.03 8.29
CA LEU B 109 -10.39 16.24 8.16
C LEU B 109 -10.02 17.07 6.95
N TYR B 110 -10.95 17.93 6.56
CA TYR B 110 -10.76 18.83 5.43
C TYR B 110 -11.20 20.21 5.90
N LEU B 111 -10.44 21.23 5.53
CA LEU B 111 -10.79 22.59 5.90
C LEU B 111 -11.94 23.06 5.02
N LEU B 112 -13.13 23.15 5.60
CA LEU B 112 -14.32 23.60 4.89
C LEU B 112 -14.49 25.09 5.06
N ASP B 113 -15.04 25.73 4.03
CA ASP B 113 -15.28 27.18 4.05
C ASP B 113 -16.75 27.46 4.29
N SER B 114 -17.05 28.68 4.73
CA SER B 114 -18.40 29.14 5.03
C SER B 114 -19.48 28.84 3.99
N ASP B 115 -19.11 28.84 2.71
CA ASP B 115 -20.08 28.57 1.65
C ASP B 115 -20.43 27.09 1.45
N GLY B 116 -19.82 26.22 2.25
CA GLY B 116 -20.08 24.80 2.14
C GLY B 116 -19.22 24.08 1.11
N GLU B 117 -18.04 24.64 0.85
CA GLU B 117 -17.09 24.08 -0.10
C GLU B 117 -15.67 24.20 0.48
N TYR B 118 -14.83 23.22 0.21
CA TYR B 118 -13.45 23.20 0.72
C TYR B 118 -12.68 24.48 0.47
N VAL B 119 -11.92 24.92 1.48
CA VAL B 119 -11.11 26.12 1.36
C VAL B 119 -10.07 25.85 0.29
N MET B 120 -10.06 26.64 -0.77
CA MET B 120 -9.10 26.44 -1.85
C MET B 120 -7.77 27.16 -1.66
N LEU B 121 -6.88 26.56 -0.88
CA LEU B 121 -5.58 27.16 -0.63
C LEU B 121 -4.79 27.31 -1.91
N LYS B 122 -4.34 28.54 -2.19
CA LYS B 122 -3.52 28.83 -3.36
C LYS B 122 -2.18 29.24 -2.79
N LEU B 123 -1.34 28.24 -2.54
CA LEU B 123 -0.03 28.46 -1.93
C LEU B 123 1.15 28.72 -2.86
N ASN B 124 0.90 28.80 -4.17
CA ASN B 124 1.99 29.06 -5.11
C ASN B 124 2.62 30.41 -4.86
N GLY B 125 3.93 30.42 -4.62
CA GLY B 125 4.63 31.66 -4.37
C GLY B 125 4.17 32.30 -3.07
N GLN B 126 3.77 31.47 -2.10
CA GLN B 126 3.31 31.97 -0.82
C GLN B 126 3.77 31.09 0.34
N GLU B 127 3.12 31.23 1.50
CA GLU B 127 3.49 30.43 2.66
C GLU B 127 2.33 30.05 3.57
N LEU B 128 2.37 28.80 4.05
CA LEU B 128 1.37 28.28 4.97
C LEU B 128 2.15 28.05 6.27
N SER B 129 1.61 28.52 7.39
CA SER B 129 2.27 28.38 8.68
C SER B 129 1.32 27.90 9.77
N PHE B 130 1.83 27.06 10.67
CA PHE B 130 1.03 26.51 11.77
C PHE B 130 1.88 26.08 12.97
N ASP B 131 1.19 25.76 14.06
CA ASP B 131 1.82 25.32 15.30
C ASP B 131 1.41 23.88 15.56
N VAL B 132 2.39 23.06 15.93
CA VAL B 132 2.10 21.65 16.22
C VAL B 132 2.62 21.19 17.56
N ASP B 133 1.92 20.21 18.12
CA ASP B 133 2.28 19.64 19.40
C ASP B 133 2.38 18.13 19.19
N LEU B 134 3.52 17.71 18.64
CA LEU B 134 3.75 16.29 18.35
C LEU B 134 4.14 15.48 19.58
N SER B 135 4.29 16.17 20.70
CA SER B 135 4.68 15.55 21.97
C SER B 135 3.99 14.21 22.23
N ALA B 136 2.70 14.13 21.91
CA ALA B 136 1.94 12.90 22.11
C ALA B 136 2.33 11.80 21.14
N LEU B 137 2.34 12.11 19.85
CA LEU B 137 2.68 11.16 18.79
C LEU B 137 4.04 10.55 19.02
N PRO B 138 4.09 9.25 19.35
CA PRO B 138 5.33 8.53 19.59
C PRO B 138 5.71 7.76 18.33
N CYS B 139 6.66 6.83 18.47
CA CYS B 139 7.08 6.02 17.34
C CYS B 139 5.90 5.30 16.71
N GLY B 140 5.76 5.45 15.40
CA GLY B 140 4.68 4.75 14.72
C GLY B 140 3.48 5.60 14.35
N GLU B 141 3.21 6.65 15.12
CA GLU B 141 2.08 7.51 14.81
C GLU B 141 2.45 8.43 13.67
N ASN B 142 1.46 8.86 12.91
CA ASN B 142 1.72 9.75 11.78
C ASN B 142 0.81 10.96 11.86
N GLY B 143 1.32 12.09 12.35
CA GLY B 143 0.51 13.30 12.37
C GLY B 143 0.58 13.78 10.94
N SER B 144 -0.48 14.38 10.41
CA SER B 144 -0.42 14.80 9.01
C SER B 144 -1.18 16.03 8.61
N LEU B 145 -0.49 16.89 7.87
CA LEU B 145 -1.04 18.12 7.35
C LEU B 145 -0.56 18.21 5.90
N TYR B 146 -1.46 17.92 4.98
CA TYR B 146 -1.12 17.95 3.56
C TYR B 146 -2.23 18.50 2.68
N LEU B 147 -1.84 19.00 1.52
CA LEU B 147 -2.77 19.55 0.55
C LEU B 147 -2.98 18.51 -0.54
N SER B 148 -4.24 18.31 -0.92
CA SER B 148 -4.60 17.37 -1.99
C SER B 148 -5.38 18.15 -3.01
N GLN B 149 -5.21 17.82 -4.28
CA GLN B 149 -5.93 18.53 -5.33
C GLN B 149 -7.31 17.91 -5.53
N MET B 150 -8.19 18.12 -4.56
CA MET B 150 -9.55 17.59 -4.62
C MET B 150 -10.52 18.61 -5.21
N ASP B 151 -11.69 18.15 -5.65
CA ASP B 151 -12.69 19.07 -6.19
C ASP B 151 -13.31 19.87 -5.05
N GLU B 152 -13.24 21.19 -5.14
CA GLU B 152 -13.77 22.07 -4.10
C GLU B 152 -15.13 21.67 -3.52
N ASN B 153 -16.01 21.08 -4.33
CA ASN B 153 -17.29 20.65 -3.80
C ASN B 153 -17.39 19.12 -3.76
N GLY B 154 -16.26 18.49 -3.42
CA GLY B 154 -16.19 17.05 -3.33
C GLY B 154 -16.85 16.32 -4.48
N GLY B 155 -16.68 16.82 -5.70
CA GLY B 155 -17.26 16.19 -6.87
C GLY B 155 -18.76 15.98 -6.84
N ALA B 156 -19.45 16.74 -6.00
CA ALA B 156 -20.89 16.61 -5.86
C ALA B 156 -21.60 16.79 -7.19
N ASN B 157 -22.46 15.83 -7.52
CA ASN B 157 -23.21 15.85 -8.77
C ASN B 157 -24.71 15.75 -8.53
N GLN B 158 -25.45 15.24 -9.52
CA GLN B 158 -26.90 15.08 -9.41
C GLN B 158 -27.24 13.98 -8.43
N TYR B 159 -26.33 13.03 -8.26
CA TYR B 159 -26.57 11.90 -7.37
C TYR B 159 -25.91 12.03 -6.00
N ASN B 160 -25.05 13.03 -5.86
CA ASN B 160 -24.38 13.27 -4.60
C ASN B 160 -24.65 14.71 -4.24
N THR B 161 -25.56 14.91 -3.30
CA THR B 161 -25.90 16.24 -2.86
C THR B 161 -25.13 16.58 -1.59
N ALA B 162 -24.50 15.58 -1.00
CA ALA B 162 -23.72 15.77 0.23
C ALA B 162 -22.50 16.64 -0.03
N GLY B 163 -21.68 16.21 -0.99
CA GLY B 163 -20.49 16.97 -1.35
C GLY B 163 -19.49 17.22 -0.23
N ALA B 164 -18.85 18.39 -0.28
CA ALA B 164 -17.84 18.76 0.70
C ALA B 164 -18.36 18.83 2.13
N ASN B 165 -19.67 19.02 2.28
CA ASN B 165 -20.25 19.09 3.61
C ASN B 165 -20.12 17.76 4.33
N TYR B 166 -19.86 16.71 3.57
CA TYR B 166 -19.70 15.39 4.13
C TYR B 166 -18.38 14.74 3.71
N GLY B 167 -17.39 15.58 3.41
CA GLY B 167 -16.08 15.09 3.02
C GLY B 167 -16.02 14.19 1.81
N SER B 168 -16.77 14.51 0.77
CA SER B 168 -16.79 13.71 -0.44
C SER B 168 -15.63 14.03 -1.39
N GLY B 169 -15.21 13.02 -2.14
CA GLY B 169 -14.15 13.21 -3.13
C GLY B 169 -12.67 13.32 -2.77
N TYR B 170 -12.21 12.47 -1.85
CA TYR B 170 -10.80 12.49 -1.45
C TYR B 170 -9.93 11.93 -2.57
N CYS B 171 -8.63 12.17 -2.45
CA CYS B 171 -7.63 11.69 -3.40
C CYS B 171 -6.24 12.10 -2.93
N ASP B 172 -5.24 11.41 -3.45
CA ASP B 172 -3.85 11.71 -3.12
C ASP B 172 -2.94 11.08 -4.16
N ALA B 173 -1.65 11.29 -4.00
CA ALA B 173 -0.66 10.76 -4.94
C ALA B 173 -0.67 9.24 -5.03
N GLN B 174 -1.18 8.58 -3.99
CA GLN B 174 -1.21 7.13 -4.00
C GLN B 174 -2.20 6.56 -5.00
N CYS B 175 -3.02 7.42 -5.57
CA CYS B 175 -4.02 7.03 -6.58
C CYS B 175 -4.92 5.91 -6.10
N PRO B 176 -5.58 6.11 -4.96
CA PRO B 176 -6.47 5.10 -4.39
C PRO B 176 -7.74 4.78 -5.19
N VAL B 177 -8.03 3.50 -5.32
CA VAL B 177 -9.26 3.07 -5.98
C VAL B 177 -10.24 3.16 -4.83
N GLN B 178 -11.34 3.87 -5.02
CA GLN B 178 -12.30 4.03 -3.93
C GLN B 178 -13.72 3.63 -4.29
N THR B 179 -14.53 3.36 -3.26
CA THR B 179 -15.91 2.98 -3.48
C THR B 179 -16.65 4.16 -4.09
N TRP B 180 -16.26 5.35 -3.66
CA TRP B 180 -16.83 6.58 -4.18
C TRP B 180 -15.69 7.40 -4.76
N ARG B 181 -15.56 7.34 -6.08
CA ARG B 181 -14.51 8.08 -6.76
C ARG B 181 -15.04 9.42 -7.20
N ASN B 182 -14.54 10.47 -6.56
CA ASN B 182 -14.93 11.82 -6.90
C ASN B 182 -16.44 12.10 -6.82
N GLY B 183 -17.07 11.64 -5.75
CA GLY B 183 -18.49 11.87 -5.56
C GLY B 183 -19.46 10.91 -6.23
N THR B 184 -18.94 10.02 -7.07
CA THR B 184 -19.78 9.06 -7.77
C THR B 184 -19.37 7.64 -7.35
N LEU B 185 -20.35 6.74 -7.25
CA LEU B 185 -20.03 5.36 -6.90
C LEU B 185 -19.12 4.88 -8.02
N ASN B 186 -17.85 4.67 -7.71
CA ASN B 186 -16.90 4.22 -8.71
C ASN B 186 -17.33 2.93 -9.37
N THR B 187 -18.15 3.03 -10.41
CA THR B 187 -18.64 1.85 -11.10
C THR B 187 -17.69 1.35 -12.17
N SER B 188 -16.61 2.11 -12.40
CA SER B 188 -15.61 1.73 -13.40
C SER B 188 -14.36 1.17 -12.73
N HIS B 189 -14.35 1.17 -11.40
CA HIS B 189 -13.23 0.68 -10.61
C HIS B 189 -11.91 1.31 -10.98
N GLN B 190 -11.87 2.63 -11.01
CA GLN B 190 -10.65 3.33 -11.34
C GLN B 190 -10.05 4.03 -10.14
N GLY B 191 -8.74 4.22 -10.17
CA GLY B 191 -8.08 4.90 -9.07
C GLY B 191 -8.37 6.39 -9.17
N PHE B 192 -7.83 7.16 -8.24
CA PHE B 192 -8.06 8.60 -8.24
C PHE B 192 -6.73 9.29 -7.95
N CYS B 193 -6.06 9.74 -9.01
CA CYS B 193 -4.80 10.43 -8.85
C CYS B 193 -5.02 11.94 -8.84
N CYS B 194 -4.31 12.62 -7.97
CA CYS B 194 -4.38 14.08 -7.86
C CYS B 194 -3.14 14.52 -7.13
N ASN B 195 -2.66 15.73 -7.40
CA ASN B 195 -1.46 16.23 -6.74
C ASN B 195 -1.60 16.23 -5.23
N GLU B 196 -0.50 15.95 -4.56
CA GLU B 196 -0.51 15.90 -3.10
C GLU B 196 0.75 16.51 -2.51
N MET B 197 0.59 17.62 -1.80
CA MET B 197 1.72 18.28 -1.16
C MET B 197 1.67 17.86 0.30
N ASP B 198 2.68 17.11 0.75
CA ASP B 198 2.74 16.67 2.14
C ASP B 198 3.65 17.56 2.98
N ILE B 199 3.06 18.58 3.61
CA ILE B 199 3.81 19.52 4.43
C ILE B 199 4.36 18.89 5.70
N LEU B 200 3.48 18.47 6.60
CA LEU B 200 3.91 17.79 7.82
C LEU B 200 3.42 16.35 7.74
N GLU B 201 4.30 15.44 8.09
CA GLU B 201 3.97 14.03 8.08
C GLU B 201 5.00 13.43 9.02
N GLY B 202 4.62 13.29 10.29
CA GLY B 202 5.55 12.72 11.25
C GLY B 202 5.05 12.72 12.68
N ASN B 203 5.91 12.25 13.57
CA ASN B 203 5.62 12.18 14.99
C ASN B 203 6.68 12.92 15.81
N SER B 204 6.75 12.60 17.10
CA SER B 204 7.71 13.22 17.99
C SER B 204 9.12 12.70 17.82
N ARG B 205 9.31 11.70 16.97
CA ARG B 205 10.65 11.16 16.77
C ARG B 205 11.32 11.60 15.47
N ALA B 206 10.52 11.88 14.43
CA ALA B 206 11.03 12.32 13.13
C ALA B 206 9.89 12.89 12.31
N ASN B 207 10.20 13.45 11.14
CA ASN B 207 9.18 14.04 10.27
C ASN B 207 9.64 14.03 8.82
N ALA B 208 8.79 14.51 7.91
CA ALA B 208 9.14 14.52 6.49
C ALA B 208 8.29 15.42 5.59
N LEU B 209 8.98 16.28 4.83
CA LEU B 209 8.34 17.19 3.88
C LEU B 209 8.45 16.44 2.56
N THR B 210 7.33 16.20 1.89
CA THR B 210 7.36 15.43 0.65
C THR B 210 6.37 15.89 -0.45
N PRO B 211 6.89 16.35 -1.59
CA PRO B 211 6.04 16.80 -2.71
C PRO B 211 5.78 15.70 -3.74
N HIS B 212 4.52 15.57 -4.15
CA HIS B 212 4.13 14.56 -5.13
C HIS B 212 3.48 15.20 -6.35
N SER B 213 4.21 15.18 -7.48
CA SER B 213 3.72 15.75 -8.73
C SER B 213 2.85 14.73 -9.48
N CYS B 214 1.94 15.22 -10.32
CA CYS B 214 1.06 14.30 -11.02
C CYS B 214 0.66 14.59 -12.44
N THR B 215 0.34 13.51 -13.13
CA THR B 215 -0.15 13.50 -14.48
C THR B 215 -1.63 13.23 -14.24
N ALA B 216 -2.43 13.23 -15.30
CA ALA B 216 -3.84 12.94 -15.16
C ALA B 216 -3.97 11.47 -14.82
N THR B 217 -3.05 10.66 -15.36
CA THR B 217 -3.03 9.22 -15.16
C THR B 217 -2.29 8.67 -13.94
N ALA B 218 -1.19 9.30 -13.54
CA ALA B 218 -0.43 8.81 -12.40
C ALA B 218 0.26 9.88 -11.56
N CYS B 219 1.02 9.45 -10.57
CA CYS B 219 1.71 10.37 -9.68
C CYS B 219 3.03 9.82 -9.22
N ASP B 220 3.80 10.69 -8.56
CA ASP B 220 5.11 10.33 -8.04
C ASP B 220 4.93 9.74 -6.63
N SER B 221 4.52 8.47 -6.58
CA SER B 221 4.29 7.77 -5.31
C SER B 221 5.42 8.04 -4.31
N ALA B 222 6.62 7.61 -4.63
CA ALA B 222 7.76 7.87 -3.75
C ALA B 222 8.07 9.33 -4.02
N GLY B 223 7.84 10.18 -3.04
CA GLY B 223 8.11 11.58 -3.28
C GLY B 223 9.58 11.92 -3.10
N CYS B 224 9.99 13.10 -3.57
CA CYS B 224 11.36 13.58 -3.41
C CYS B 224 11.36 14.33 -2.07
N GLY B 225 11.04 13.61 -1.01
CA GLY B 225 10.96 14.18 0.33
C GLY B 225 12.24 14.51 1.05
N PHE B 226 12.09 15.21 2.18
CA PHE B 226 13.22 15.62 3.01
C PHE B 226 12.95 15.22 4.45
N ASN B 227 13.93 14.55 5.03
CA ASN B 227 13.87 14.09 6.41
C ASN B 227 15.24 14.34 7.00
N PRO B 228 15.36 15.34 7.89
CA PRO B 228 16.65 15.66 8.50
C PRO B 228 17.44 14.43 8.93
N TYR B 229 16.77 13.50 9.62
CA TYR B 229 17.43 12.28 10.09
C TYR B 229 17.96 11.48 8.92
N GLY B 230 17.12 11.31 7.90
CA GLY B 230 17.52 10.56 6.72
C GLY B 230 18.70 11.22 6.04
N SER B 231 18.67 12.56 6.00
CA SER B 231 19.73 13.32 5.37
C SER B 231 20.96 13.47 6.28
N GLY B 232 21.02 12.64 7.32
CA GLY B 232 22.15 12.68 8.24
C GLY B 232 22.20 13.86 9.21
N TYR B 233 21.12 14.06 9.95
CA TYR B 233 21.04 15.14 10.94
C TYR B 233 20.29 14.54 12.12
N LYS B 234 20.77 13.35 12.52
CA LYS B 234 20.19 12.57 13.61
C LYS B 234 19.93 13.27 14.94
N SER B 235 20.44 14.49 15.10
CA SER B 235 20.22 15.24 16.34
C SER B 235 19.77 16.67 16.08
N TYR B 236 18.71 16.80 15.29
CA TYR B 236 18.15 18.10 14.96
C TYR B 236 16.69 18.16 15.35
N TYR B 237 15.91 17.21 14.84
CA TYR B 237 14.49 17.13 15.12
C TYR B 237 14.23 15.95 16.04
N GLY B 238 13.83 16.26 17.27
CA GLY B 238 13.55 15.22 18.25
C GLY B 238 13.36 15.77 19.64
N PRO B 239 13.06 14.89 20.61
CA PRO B 239 12.84 15.23 22.02
C PRO B 239 14.10 15.79 22.67
N GLY B 240 14.12 17.10 22.87
CA GLY B 240 15.25 17.75 23.50
C GLY B 240 16.34 18.18 22.52
N ASP B 241 16.07 18.02 21.23
CA ASP B 241 17.04 18.41 20.20
C ASP B 241 16.80 19.82 19.70
N THR B 242 17.55 20.23 18.69
CA THR B 242 17.47 21.57 18.12
C THR B 242 16.03 22.08 17.97
N VAL B 243 15.18 21.28 17.33
CA VAL B 243 13.78 21.65 17.13
C VAL B 243 12.97 21.36 18.40
N ASP B 244 13.30 20.25 19.07
CA ASP B 244 12.63 19.87 20.32
C ASP B 244 11.13 19.64 20.22
N THR B 245 10.77 18.42 19.86
CA THR B 245 9.39 18.01 19.72
C THR B 245 8.59 17.98 21.02
N SER B 246 9.28 17.83 22.15
CA SER B 246 8.63 17.77 23.45
C SER B 246 7.76 19.00 23.75
N LYS B 247 8.04 20.10 23.07
CA LYS B 247 7.29 21.33 23.23
C LYS B 247 6.70 21.70 21.87
N THR B 248 5.85 22.73 21.86
CA THR B 248 5.23 23.20 20.62
C THR B 248 6.22 24.00 19.80
N PHE B 249 6.17 23.81 18.49
CA PHE B 249 7.04 24.55 17.59
C PHE B 249 6.22 25.00 16.38
N THR B 250 6.82 25.84 15.54
CA THR B 250 6.11 26.32 14.37
C THR B 250 6.74 25.79 13.10
N ILE B 251 5.88 25.41 12.16
CA ILE B 251 6.32 24.90 10.88
C ILE B 251 5.94 25.92 9.80
N ILE B 252 6.96 26.46 9.15
CA ILE B 252 6.76 27.46 8.11
C ILE B 252 7.25 26.95 6.76
N THR B 253 6.32 26.75 5.84
CA THR B 253 6.67 26.27 4.50
C THR B 253 6.35 27.34 3.46
N GLN B 254 7.39 27.73 2.72
CA GLN B 254 7.28 28.75 1.69
C GLN B 254 7.53 28.14 0.31
N PHE B 255 6.62 28.42 -0.62
CA PHE B 255 6.74 27.92 -1.98
C PHE B 255 7.30 29.05 -2.83
N ASN B 256 8.58 28.96 -3.15
CA ASN B 256 9.28 29.98 -3.92
C ASN B 256 9.20 29.82 -5.44
N THR B 257 8.80 30.90 -6.10
CA THR B 257 8.67 30.94 -7.55
C THR B 257 9.88 31.64 -8.18
N ASP B 258 10.03 31.54 -9.50
CA ASP B 258 11.16 32.19 -10.16
C ASP B 258 10.97 33.70 -10.28
N ASN B 259 9.73 34.12 -10.48
CA ASN B 259 9.41 35.54 -10.57
C ASN B 259 9.14 36.08 -9.17
N GLY B 260 9.43 35.26 -8.17
CA GLY B 260 9.23 35.63 -6.78
C GLY B 260 7.81 35.95 -6.35
N SER B 261 6.87 35.79 -7.28
CA SER B 261 5.46 36.10 -7.00
C SER B 261 4.51 34.98 -7.41
N PRO B 262 3.28 34.99 -6.86
CA PRO B 262 2.26 33.98 -7.17
C PRO B 262 1.97 33.86 -8.65
N SER B 263 2.43 34.85 -9.41
CA SER B 263 2.24 34.86 -10.85
C SER B 263 2.73 33.60 -11.55
N GLY B 264 3.73 32.92 -10.98
CA GLY B 264 4.16 31.69 -11.62
C GLY B 264 5.51 31.05 -11.38
N ASN B 265 5.55 29.78 -11.78
CA ASN B 265 6.73 28.89 -11.72
C ASN B 265 7.36 28.54 -10.38
N LEU B 266 6.99 27.36 -9.86
CA LEU B 266 7.55 26.88 -8.61
C LEU B 266 9.01 26.50 -8.87
N VAL B 267 9.89 26.80 -7.92
CA VAL B 267 11.31 26.53 -8.05
C VAL B 267 11.87 25.79 -6.84
N SER B 268 11.34 26.11 -5.65
CA SER B 268 11.81 25.48 -4.43
C SER B 268 10.79 25.56 -3.29
N ILE B 269 10.84 24.59 -2.39
CA ILE B 269 9.94 24.53 -1.24
C ILE B 269 10.80 24.68 0.03
N THR B 270 10.81 25.89 0.59
CA THR B 270 11.60 26.23 1.78
C THR B 270 10.94 25.95 3.12
N ARG B 271 11.64 25.19 3.94
CA ARG B 271 11.13 24.85 5.26
C ARG B 271 11.94 25.60 6.31
N LYS B 272 11.25 26.19 7.28
CA LYS B 272 11.89 26.94 8.35
C LYS B 272 11.09 26.83 9.64
N TYR B 273 11.70 26.23 10.67
CA TYR B 273 11.05 26.06 11.96
C TYR B 273 11.44 27.21 12.90
N GLN B 274 10.60 27.44 13.91
CA GLN B 274 10.88 28.45 14.91
C GLN B 274 10.09 28.12 16.16
N GLN B 275 10.80 28.04 17.29
CA GLN B 275 10.19 27.70 18.56
C GLN B 275 10.61 28.71 19.64
N ASN B 276 9.69 29.02 20.54
CA ASN B 276 9.95 29.97 21.63
C ASN B 276 10.24 31.37 21.09
N GLY B 277 9.56 31.74 20.01
CA GLY B 277 9.77 33.06 19.43
C GLY B 277 11.00 33.18 18.54
N VAL B 278 12.10 32.59 18.97
CA VAL B 278 13.34 32.63 18.20
C VAL B 278 13.31 31.68 17.01
N ASP B 279 13.88 32.11 15.90
CA ASP B 279 13.92 31.29 14.70
C ASP B 279 14.99 30.22 14.83
N ILE B 280 14.59 28.97 14.59
CA ILE B 280 15.52 27.84 14.66
C ILE B 280 16.34 27.79 13.37
N PRO B 281 17.66 27.55 13.49
CA PRO B 281 18.57 27.49 12.35
C PRO B 281 18.32 26.23 11.51
N SER B 282 18.71 26.29 10.24
CA SER B 282 18.52 25.17 9.32
C SER B 282 19.33 23.96 9.74
N ALA B 283 18.93 22.80 9.23
CA ALA B 283 19.62 21.55 9.52
C ALA B 283 20.83 21.50 8.58
N GLN B 284 20.57 21.73 7.30
CA GLN B 284 21.63 21.76 6.30
C GLN B 284 21.87 23.23 5.97
N PRO B 285 23.16 23.64 5.86
CA PRO B 285 23.58 25.01 5.55
C PRO B 285 22.91 25.60 4.32
N GLY B 286 22.58 26.89 4.38
CA GLY B 286 21.95 27.54 3.25
C GLY B 286 20.44 27.51 3.30
N GLY B 287 19.88 26.56 4.05
CA GLY B 287 18.43 26.47 4.16
C GLY B 287 17.86 25.10 3.86
N ASP B 288 16.91 24.67 4.68
CA ASP B 288 16.25 23.38 4.49
C ASP B 288 15.23 23.54 3.38
N THR B 289 15.68 23.35 2.15
CA THR B 289 14.80 23.51 1.01
C THR B 289 14.84 22.34 0.04
N ILE B 290 13.75 22.18 -0.68
CA ILE B 290 13.59 21.14 -1.67
C ILE B 290 13.72 21.81 -3.03
N SER B 291 14.95 21.82 -3.55
CA SER B 291 15.23 22.43 -4.84
C SER B 291 14.93 21.45 -5.96
N SER B 292 15.85 20.52 -6.21
CA SER B 292 15.67 19.53 -7.26
C SER B 292 14.77 18.41 -6.76
N CYS B 293 13.83 18.01 -7.60
CA CYS B 293 12.91 16.94 -7.25
C CYS B 293 13.03 15.86 -8.32
N PRO B 294 14.10 15.06 -8.28
CA PRO B 294 14.42 13.98 -9.22
C PRO B 294 13.26 13.07 -9.60
N SER B 295 12.65 12.46 -8.60
CA SER B 295 11.53 11.54 -8.79
C SER B 295 10.41 12.13 -9.65
N ALA B 296 10.04 13.37 -9.35
CA ALA B 296 8.97 14.06 -10.04
C ALA B 296 9.20 14.38 -11.53
N SER B 297 10.41 14.12 -12.02
CA SER B 297 10.74 14.39 -13.42
C SER B 297 9.71 13.82 -14.39
N ALA B 298 9.43 12.53 -14.25
CA ALA B 298 8.48 11.85 -15.13
C ALA B 298 7.04 12.36 -15.07
N TYR B 299 6.79 13.34 -14.22
CA TYR B 299 5.45 13.90 -14.09
C TYR B 299 5.45 15.43 -14.16
N GLY B 300 6.51 16.00 -14.74
CA GLY B 300 6.60 17.44 -14.83
C GLY B 300 7.14 18.01 -13.52
N GLY B 301 8.25 17.43 -13.07
CA GLY B 301 8.89 17.83 -11.83
C GLY B 301 8.78 19.29 -11.43
N LEU B 302 8.16 19.51 -10.27
CA LEU B 302 7.96 20.85 -9.72
C LEU B 302 6.96 21.66 -10.53
N ALA B 303 7.22 21.83 -11.82
CA ALA B 303 6.35 22.57 -12.72
C ALA B 303 4.88 22.28 -12.43
N THR B 304 4.52 21.00 -12.51
CA THR B 304 3.15 20.56 -12.27
C THR B 304 2.65 20.86 -10.87
N MET B 305 3.51 20.66 -9.87
CA MET B 305 3.14 20.93 -8.49
C MET B 305 2.73 22.37 -8.34
N GLY B 306 3.55 23.28 -8.83
CA GLY B 306 3.24 24.70 -8.74
C GLY B 306 1.94 25.05 -9.44
N LYS B 307 1.73 24.50 -10.64
CA LYS B 307 0.51 24.78 -11.37
C LYS B 307 -0.67 24.31 -10.52
N ALA B 308 -0.46 23.22 -9.80
CA ALA B 308 -1.47 22.63 -8.94
C ALA B 308 -1.75 23.54 -7.74
N LEU B 309 -0.69 24.08 -7.15
CA LEU B 309 -0.78 24.98 -6.01
C LEU B 309 -1.43 26.29 -6.42
N SER B 310 -1.39 26.58 -7.72
CA SER B 310 -1.98 27.80 -8.25
C SER B 310 -3.49 27.59 -8.43
N SER B 311 -3.85 26.48 -9.04
CA SER B 311 -5.25 26.14 -9.28
C SER B 311 -6.02 26.13 -7.96
N GLY B 312 -5.33 25.76 -6.88
CA GLY B 312 -5.95 25.71 -5.57
C GLY B 312 -6.02 24.28 -5.07
N MET B 313 -5.75 24.09 -3.78
CA MET B 313 -5.77 22.76 -3.17
C MET B 313 -6.50 22.75 -1.85
N VAL B 314 -7.01 21.56 -1.49
CA VAL B 314 -7.73 21.36 -0.23
C VAL B 314 -6.75 20.95 0.86
N LEU B 315 -7.02 21.42 2.07
CA LEU B 315 -6.17 21.12 3.21
C LEU B 315 -6.67 19.84 3.89
N VAL B 316 -5.75 18.95 4.28
CA VAL B 316 -6.14 17.68 4.91
C VAL B 316 -5.45 17.40 6.23
N PHE B 317 -6.25 17.31 7.30
CA PHE B 317 -5.73 16.99 8.63
C PHE B 317 -5.89 15.49 8.81
N SER B 318 -4.88 14.84 9.38
CA SER B 318 -4.96 13.41 9.58
C SER B 318 -3.89 12.86 10.52
N ILE B 319 -4.25 11.81 11.24
CA ILE B 319 -3.37 11.13 12.17
C ILE B 319 -3.71 9.65 12.07
N TRP B 320 -2.71 8.82 11.81
CA TRP B 320 -2.94 7.39 11.64
C TRP B 320 -1.71 6.54 11.93
N ASN B 321 -1.93 5.25 12.20
CA ASN B 321 -0.84 4.30 12.44
C ASN B 321 -0.85 3.17 11.40
N ASP B 322 0.34 2.65 11.13
CA ASP B 322 0.51 1.60 10.13
C ASP B 322 0.53 0.20 10.71
N ASN B 323 -0.53 -0.56 10.43
CA ASN B 323 -0.67 -1.93 10.92
C ASN B 323 0.20 -2.88 10.12
N SER B 324 0.65 -2.43 8.97
CA SER B 324 1.48 -3.25 8.10
C SER B 324 2.98 -3.03 8.28
N GLN B 325 3.46 -1.82 8.01
CA GLN B 325 4.89 -1.55 8.17
C GLN B 325 5.25 -0.65 9.35
N TYR B 326 4.33 -0.49 10.28
CA TYR B 326 4.55 0.31 11.48
C TYR B 326 5.16 1.69 11.21
N MET B 327 4.85 2.26 10.04
CA MET B 327 5.34 3.58 9.66
C MET B 327 6.86 3.66 9.70
N ASN B 328 7.53 2.52 9.62
CA ASN B 328 8.98 2.49 9.66
C ASN B 328 9.62 3.40 8.62
N TRP B 329 8.95 3.55 7.47
CA TRP B 329 9.46 4.41 6.39
C TRP B 329 9.63 5.85 6.82
N LEU B 330 8.89 6.23 7.86
CA LEU B 330 8.92 7.58 8.40
C LEU B 330 9.82 7.81 9.60
N ASP B 331 9.85 6.88 10.55
CA ASP B 331 10.63 7.07 11.76
C ASP B 331 11.57 5.96 12.24
N SER B 332 11.81 4.95 11.41
CA SER B 332 12.70 3.87 11.82
C SER B 332 13.87 3.73 10.87
N GLY B 333 14.69 2.71 11.09
CA GLY B 333 15.82 2.46 10.23
C GLY B 333 16.75 3.64 10.08
N ASN B 334 16.99 4.02 8.83
CA ASN B 334 17.88 5.14 8.51
C ASN B 334 17.18 6.48 8.49
N ALA B 335 15.89 6.49 8.80
CA ALA B 335 15.11 7.73 8.81
C ALA B 335 14.46 8.03 10.15
N GLY B 336 14.95 7.40 11.21
CA GLY B 336 14.38 7.64 12.52
C GLY B 336 14.96 6.77 13.62
N PRO B 337 15.00 7.27 14.86
CA PRO B 337 15.52 6.56 16.03
C PRO B 337 14.71 5.31 16.41
N CYS B 338 13.45 5.31 16.03
CA CYS B 338 12.55 4.18 16.34
C CYS B 338 13.06 2.83 15.85
N SER B 339 12.76 1.78 16.62
CA SER B 339 13.14 0.41 16.26
C SER B 339 12.07 -0.20 15.36
N SER B 340 12.44 -1.22 14.61
CA SER B 340 11.51 -1.89 13.69
C SER B 340 10.17 -2.24 14.35
N THR B 341 10.24 -2.78 15.56
CA THR B 341 9.04 -3.20 16.30
C THR B 341 8.25 -2.08 16.98
N GLU B 342 8.98 -1.17 17.62
CA GLU B 342 8.42 -0.03 18.37
C GLU B 342 7.20 0.71 17.80
N GLY B 343 7.01 0.63 16.48
CA GLY B 343 5.87 1.33 15.88
C GLY B 343 4.58 0.56 15.76
N ASN B 344 4.59 -0.69 16.20
CA ASN B 344 3.40 -1.53 16.13
C ASN B 344 2.23 -0.85 16.81
N PRO B 345 1.13 -0.65 16.09
CA PRO B 345 -0.06 0.01 16.66
C PRO B 345 -0.55 -0.63 17.97
N SER B 346 -0.54 -1.95 18.05
CA SER B 346 -0.98 -2.66 19.25
C SER B 346 -0.14 -2.20 20.43
N ASN B 347 1.14 -2.01 20.16
CA ASN B 347 2.09 -1.56 21.15
C ASN B 347 1.86 -0.08 21.46
N ILE B 348 1.33 0.67 20.49
CA ILE B 348 1.04 2.09 20.68
C ILE B 348 -0.17 2.16 21.60
N LEU B 349 -1.19 1.38 21.27
CA LEU B 349 -2.42 1.33 22.01
C LEU B 349 -2.13 0.94 23.45
N ALA B 350 -1.17 0.04 23.61
CA ALA B 350 -0.79 -0.42 24.93
C ALA B 350 -0.11 0.65 25.75
N ASN B 351 0.98 1.20 25.23
CA ASN B 351 1.73 2.20 25.98
C ASN B 351 1.37 3.67 25.88
N ASN B 352 0.45 4.03 25.00
CA ASN B 352 0.09 5.45 24.86
C ASN B 352 -1.18 5.62 24.04
N PRO B 353 -2.31 5.12 24.55
CA PRO B 353 -3.57 5.25 23.81
C PRO B 353 -4.05 6.69 23.75
N ASN B 354 -3.41 7.55 24.51
CA ASN B 354 -3.81 8.94 24.55
C ASN B 354 -3.17 9.83 23.51
N THR B 355 -2.45 9.23 22.55
CA THR B 355 -1.78 10.03 21.51
C THR B 355 -2.77 10.90 20.76
N HIS B 356 -2.32 12.11 20.47
CA HIS B 356 -3.14 13.09 19.77
C HIS B 356 -2.27 14.18 19.17
N VAL B 357 -2.74 14.76 18.08
CA VAL B 357 -2.01 15.84 17.46
C VAL B 357 -2.83 17.07 17.75
N VAL B 358 -2.16 18.20 17.93
CA VAL B 358 -2.86 19.45 18.18
C VAL B 358 -2.32 20.53 17.24
N PHE B 359 -3.03 20.72 16.13
CA PHE B 359 -2.65 21.73 15.15
C PHE B 359 -3.28 23.02 15.61
N SER B 360 -2.50 24.10 15.59
CA SER B 360 -3.03 25.37 16.04
C SER B 360 -2.53 26.55 15.25
N ASN B 361 -3.39 27.55 15.14
CA ASN B 361 -3.08 28.80 14.44
C ASN B 361 -2.63 28.57 13.00
N ILE B 362 -3.55 28.10 12.17
CA ILE B 362 -3.23 27.87 10.76
C ILE B 362 -3.49 29.14 9.98
N ARG B 363 -2.45 29.65 9.34
CA ARG B 363 -2.54 30.88 8.58
C ARG B 363 -1.63 30.83 7.36
N TRP B 364 -2.20 31.15 6.19
CA TRP B 364 -1.44 31.15 4.95
C TRP B 364 -1.55 32.51 4.28
N GLY B 365 -0.53 32.88 3.53
CA GLY B 365 -0.54 34.17 2.85
C GLY B 365 0.83 34.49 2.29
N ASP B 366 1.07 35.77 2.05
CA ASP B 366 2.35 36.25 1.52
C ASP B 366 3.49 35.80 2.41
N ILE B 367 4.67 35.66 1.82
CA ILE B 367 5.84 35.23 2.56
C ILE B 367 6.19 36.21 3.67
N GLY B 368 6.47 35.69 4.86
CA GLY B 368 6.81 36.54 5.98
C GLY B 368 5.64 37.17 6.70
N SER B 369 4.50 37.34 6.02
CA SER B 369 3.32 37.95 6.64
C SER B 369 2.63 37.11 7.72
N THR B 370 2.64 35.78 7.55
CA THR B 370 2.02 34.88 8.52
C THR B 370 2.92 34.78 9.74
N THR B 371 4.19 35.14 9.54
CA THR B 371 5.23 35.11 10.56
C THR B 371 5.75 33.71 10.83
C1 NAG C . -16.49 1.32 -23.74
C2 NAG C . -15.40 1.71 -24.73
C3 NAG C . -15.99 2.65 -25.77
C4 NAG C . -17.18 1.99 -26.44
C5 NAG C . -18.20 1.52 -25.41
C6 NAG C . -19.32 0.71 -26.07
C7 NAG C . -13.04 1.90 -24.17
C8 NAG C . -11.96 2.63 -23.38
N2 NAG C . -14.29 2.35 -24.02
O3 NAG C . -15.01 2.98 -26.73
O4 NAG C . -17.81 2.91 -27.32
O5 NAG C . -17.55 0.68 -24.45
O6 NAG C . -18.89 -0.61 -26.29
O7 NAG C . -12.76 0.96 -24.91
C1 NAG D . -15.13 -17.85 -4.70
C2 NAG D . -15.55 -18.18 -3.29
C3 NAG D . -15.71 -19.68 -3.19
C4 NAG D . -16.78 -20.13 -4.16
C5 NAG D . -16.47 -19.63 -5.59
C6 NAG D . -17.66 -19.84 -6.53
C7 NAG D . -14.93 -16.79 -1.41
C8 NAG D . -13.86 -16.35 -0.43
N2 NAG D . -14.58 -17.71 -2.32
O3 NAG D . -16.07 -20.05 -1.87
O4 NAG D . -16.86 -21.55 -4.15
O5 NAG D . -16.17 -18.23 -5.58
O6 NAG D . -18.39 -20.98 -6.16
O7 NAG D . -16.06 -16.28 -1.39
C1 NAG E . -28.46 -4.82 1.75
C2 NAG E . -28.55 -5.12 3.23
C3 NAG E . -29.60 -6.18 3.48
C4 NAG E . -30.94 -5.72 2.90
C5 NAG E . -30.78 -5.34 1.43
C6 NAG E . -32.08 -4.74 0.89
C7 NAG E . -26.67 -4.96 4.78
C8 NAG E . -25.31 -5.49 5.20
N2 NAG E . -27.25 -5.57 3.73
O3 NAG E . -29.74 -6.43 4.86
O4 NAG E . -31.89 -6.76 3.01
O5 NAG E . -29.74 -4.37 1.30
O6 NAG E . -32.17 -3.38 1.27
O7 NAG E . -27.21 -4.03 5.38
C1 NAG F . -14.93 15.33 -10.19
C2 NAG F . -14.12 15.68 -11.40
C3 NAG F . -14.31 17.15 -11.70
C4 NAG F . -15.78 17.41 -11.98
C5 NAG F . -16.66 16.88 -10.83
C6 NAG F . -18.14 16.86 -11.21
C7 NAG F . -12.09 14.48 -11.95
C8 NAG F . -10.61 14.24 -11.67
N2 NAG F . -12.70 15.39 -11.20
O3 NAG F . -13.53 17.54 -12.80
O4 NAG F . -15.99 18.79 -12.16
O5 NAG F . -16.30 15.53 -10.49
O6 NAG F . -18.44 17.92 -12.10
O7 NAG F . -12.68 13.83 -12.81
#